data_9U8H
#
_entry.id   9U8H
#
_cell.length_a   87.870
_cell.length_b   100.840
_cell.length_c   122.880
_cell.angle_alpha   90.00
_cell.angle_beta   90.00
_cell.angle_gamma   90.00
#
_symmetry.space_group_name_H-M   'P 2 21 21'
#
loop_
_entity.id
_entity.type
_entity.pdbx_description
1 polymer 'PTS galactitol transporter subunit IIC'
2 non-polymer '(2R)-2,3-dihydroxypropyl (9Z)-octadec-9-enoate'
#
_entity_poly.entity_id   1
_entity_poly.type   'polypeptide(L)'
_entity_poly.pdbx_seq_one_letter_code
;MFTEIMRYVLDLGPTVMLPIVVILFSLLLKMKPGDAFKSGIHIGIGFVGIGLVIGLMLDSIGPAAKAMAEAFDINLKVVD
IGWPGSSPMTWASQIALIAIPIAIVVNLVMLMTRMTRVVNVDIWNIWHMTFTGALVHIATGSYALAIVGVVVHAAFVYKL
GDWFAKDTRDFFGLDGIAIPHGTSAYLGPIAVLVDTVIEKIPGLNRIHFSADDVQKRFGAFGEPVTIGFVMGLVIGLLAG
YEIKAVLQLAVKTAAVMLLMPRVIKPIMDGLTPIAKQARSRLQAKFGGQDFLIGLDPALLLGHTSVVSASLIFIPLTILI
AVVTPGNQVLPFGDLATIGFFVAMAVAVHQGNLFRTLISGVIIMSITLWIATQTIGLHTQLAANAGSLTGDGSLVASMDQ
GGSPITYLLVQALTLENVIGLVAIGALYGIGIFLTWRRAKRFAAQAESPANVQVQAAGQSLESSGENLYFQ
;
_entity_poly.pdbx_strand_id   A,B
#
# COMPACT_ATOMS: atom_id res chain seq x y z
N MET A 1 -17.11 -32.42 1.93
CA MET A 1 -16.87 -32.59 3.36
C MET A 1 -15.63 -31.83 3.80
N PHE A 2 -14.52 -32.56 3.89
CA PHE A 2 -13.27 -31.96 4.31
C PHE A 2 -12.75 -30.97 3.29
N THR A 3 -12.84 -31.31 2.00
CA THR A 3 -12.29 -30.44 0.97
C THR A 3 -13.04 -29.11 0.88
N GLU A 4 -14.37 -29.14 1.04
CA GLU A 4 -15.13 -27.90 1.05
C GLU A 4 -14.74 -27.01 2.24
N ILE A 5 -14.72 -27.57 3.45
CA ILE A 5 -14.38 -26.77 4.62
C ILE A 5 -12.92 -26.31 4.53
N MET A 6 -12.03 -27.17 4.05
CA MET A 6 -10.62 -26.81 3.97
C MET A 6 -10.41 -25.61 3.05
N ARG A 7 -11.08 -25.59 1.90
CA ARG A 7 -11.03 -24.42 1.04
C ARG A 7 -11.65 -23.21 1.73
N TYR A 8 -12.78 -23.40 2.41
CA TYR A 8 -13.44 -22.28 3.07
C TYR A 8 -12.54 -21.68 4.14
N VAL A 9 -11.88 -22.53 4.93
CA VAL A 9 -10.89 -22.03 5.87
C VAL A 9 -9.71 -21.39 5.12
N LEU A 10 -9.29 -22.02 4.03
CA LEU A 10 -8.16 -21.50 3.28
C LEU A 10 -8.53 -20.25 2.49
N ASP A 11 -9.68 -20.28 1.80
CA ASP A 11 -10.08 -19.13 0.98
C ASP A 11 -10.46 -17.93 1.83
N LEU A 12 -10.91 -18.15 3.08
CA LEU A 12 -11.31 -17.03 3.91
C LEU A 12 -10.18 -16.04 4.10
N GLY A 13 -8.93 -16.50 4.09
CA GLY A 13 -7.80 -15.62 3.98
C GLY A 13 -7.00 -15.42 5.25
N PRO A 14 -5.74 -15.04 5.11
CA PRO A 14 -4.94 -14.67 6.28
C PRO A 14 -5.47 -13.43 6.97
N THR A 15 -6.29 -12.65 6.28
CA THR A 15 -6.84 -11.42 6.83
C THR A 15 -8.12 -11.63 7.62
N VAL A 16 -8.79 -12.77 7.42
CA VAL A 16 -10.07 -13.05 8.05
C VAL A 16 -9.97 -14.22 9.01
N MET A 17 -9.24 -15.28 8.65
CA MET A 17 -9.17 -16.47 9.48
C MET A 17 -8.16 -16.36 10.62
N LEU A 18 -7.03 -15.69 10.41
CA LEU A 18 -6.11 -15.47 11.53
C LEU A 18 -6.73 -14.64 12.64
N PRO A 19 -7.38 -13.51 12.38
CA PRO A 19 -8.09 -12.83 13.48
C PRO A 19 -9.05 -13.74 14.22
N ILE A 20 -9.66 -14.69 13.52
CA ILE A 20 -10.61 -15.60 14.16
C ILE A 20 -9.90 -16.43 15.23
N VAL A 21 -8.77 -17.05 14.88
CA VAL A 21 -7.99 -17.77 15.89
C VAL A 21 -7.51 -16.81 16.97
N VAL A 22 -7.05 -15.63 16.56
CA VAL A 22 -6.54 -14.64 17.51
C VAL A 22 -7.66 -14.14 18.42
N ILE A 23 -8.84 -13.86 17.87
CA ILE A 23 -9.95 -13.38 18.69
C ILE A 23 -10.44 -14.49 19.61
N LEU A 24 -10.52 -15.72 19.11
CA LEU A 24 -10.94 -16.84 19.94
C LEU A 24 -9.94 -17.10 21.06
N PHE A 25 -8.64 -17.02 20.75
CA PHE A 25 -7.63 -17.29 21.75
C PHE A 25 -7.68 -16.27 22.89
N SER A 26 -7.84 -14.99 22.55
CA SER A 26 -7.97 -13.97 23.59
C SER A 26 -9.20 -14.21 24.46
N LEU A 27 -10.28 -14.71 23.85
CA LEU A 27 -11.44 -15.11 24.63
C LEU A 27 -11.12 -16.29 25.54
N LEU A 28 -10.33 -17.24 25.05
CA LEU A 28 -9.89 -18.35 25.91
C LEU A 28 -9.08 -17.84 27.09
N LEU A 29 -8.18 -16.87 26.83
CA LEU A 29 -7.36 -16.24 27.87
C LEU A 29 -8.16 -15.31 28.74
N LYS A 30 -9.49 -15.32 28.65
CA LYS A 30 -10.37 -14.47 29.45
C LYS A 30 -10.08 -12.99 29.27
N MET A 31 -9.38 -12.64 28.20
CA MET A 31 -9.12 -11.25 27.89
C MET A 31 -10.46 -10.55 27.59
N LYS A 32 -10.40 -9.23 27.50
CA LYS A 32 -11.62 -8.46 27.31
C LYS A 32 -12.21 -8.73 25.92
N PRO A 33 -13.54 -8.61 25.77
CA PRO A 33 -14.16 -8.82 24.45
C PRO A 33 -13.73 -7.80 23.41
N GLY A 34 -13.96 -6.51 23.70
CA GLY A 34 -13.51 -5.46 22.81
C GLY A 34 -12.01 -5.46 22.61
N ASP A 35 -11.25 -5.80 23.65
CA ASP A 35 -9.81 -5.91 23.50
C ASP A 35 -9.43 -7.12 22.66
N ALA A 36 -10.23 -8.18 22.70
CA ALA A 36 -9.98 -9.33 21.84
C ALA A 36 -10.22 -8.98 20.38
N PHE A 37 -11.32 -8.29 20.09
CA PHE A 37 -11.59 -7.87 18.73
C PHE A 37 -10.47 -6.99 18.18
N LYS A 38 -10.04 -6.00 18.96
CA LYS A 38 -9.11 -4.99 18.46
C LYS A 38 -7.81 -5.62 17.97
N SER A 39 -7.31 -6.61 18.70
CA SER A 39 -6.09 -7.30 18.29
C SER A 39 -6.30 -8.02 16.97
N GLY A 40 -7.46 -8.63 16.77
CA GLY A 40 -7.72 -9.34 15.54
C GLY A 40 -7.78 -8.42 14.33
N ILE A 41 -8.40 -7.25 14.47
CA ILE A 41 -8.56 -6.36 13.33
C ILE A 41 -7.22 -5.77 12.91
N HIS A 42 -6.35 -5.46 13.89
CA HIS A 42 -5.02 -4.93 13.56
C HIS A 42 -4.20 -5.97 12.79
N ILE A 43 -4.31 -7.24 13.15
CA ILE A 43 -3.59 -8.28 12.42
C ILE A 43 -4.03 -8.33 10.96
N GLY A 44 -5.34 -8.19 10.72
CA GLY A 44 -5.81 -8.13 9.35
C GLY A 44 -5.28 -6.92 8.60
N ILE A 45 -5.34 -5.75 9.25
CA ILE A 45 -4.82 -4.52 8.64
C ILE A 45 -3.32 -4.64 8.41
N GLY A 46 -2.63 -5.42 9.26
CA GLY A 46 -1.23 -5.71 8.97
C GLY A 46 -1.06 -6.48 7.67
N PHE A 47 -1.92 -7.48 7.46
CA PHE A 47 -1.80 -8.34 6.28
C PHE A 47 -2.43 -7.73 5.04
N VAL A 48 -3.34 -6.76 5.19
CA VAL A 48 -3.75 -5.97 4.04
C VAL A 48 -2.57 -5.16 3.52
N GLY A 49 -1.85 -4.51 4.43
CA GLY A 49 -0.71 -3.71 4.02
C GLY A 49 0.44 -4.52 3.46
N ILE A 50 0.63 -5.74 3.96
CA ILE A 50 1.71 -6.58 3.45
C ILE A 50 1.47 -6.93 1.99
N GLY A 51 0.25 -7.29 1.63
CA GLY A 51 -0.05 -7.59 0.24
C GLY A 51 0.13 -6.39 -0.68
N LEU A 52 -0.07 -5.18 -0.15
CA LEU A 52 0.07 -3.98 -0.97
C LEU A 52 1.54 -3.68 -1.25
N VAL A 53 2.38 -3.68 -0.21
CA VAL A 53 3.80 -3.40 -0.42
C VAL A 53 4.46 -4.53 -1.20
N ILE A 54 4.12 -5.78 -0.88
CA ILE A 54 4.66 -6.91 -1.64
C ILE A 54 4.15 -6.90 -3.08
N GLY A 55 3.01 -6.23 -3.32
CA GLY A 55 2.55 -6.02 -4.68
C GLY A 55 3.42 -5.05 -5.46
N LEU A 56 3.79 -3.93 -4.82
CA LEU A 56 4.63 -2.94 -5.49
C LEU A 56 6.02 -3.47 -5.78
N MET A 57 6.55 -4.33 -4.90
CA MET A 57 7.80 -5.00 -5.21
C MET A 57 7.67 -5.88 -6.45
N LEU A 58 6.57 -6.62 -6.56
CA LEU A 58 6.44 -7.57 -7.65
C LEU A 58 6.18 -6.87 -8.97
N ASP A 59 5.47 -5.74 -8.95
CA ASP A 59 5.05 -5.08 -10.17
C ASP A 59 5.99 -3.97 -10.63
N SER A 60 6.93 -3.53 -9.79
CA SER A 60 7.87 -2.49 -10.19
C SER A 60 9.32 -2.96 -10.15
N ILE A 61 9.77 -3.51 -9.02
CA ILE A 61 11.08 -4.15 -9.02
C ILE A 61 11.07 -5.38 -9.90
N GLY A 62 9.91 -6.03 -10.03
CA GLY A 62 9.77 -7.24 -10.81
C GLY A 62 10.16 -7.08 -12.27
N PRO A 63 9.29 -6.42 -13.05
CA PRO A 63 9.60 -6.17 -14.48
C PRO A 63 10.96 -5.54 -14.72
N ALA A 64 11.56 -4.94 -13.68
CA ALA A 64 12.92 -4.44 -13.81
C ALA A 64 13.92 -5.57 -13.90
N ALA A 65 13.81 -6.57 -13.00
CA ALA A 65 14.72 -7.70 -13.03
C ALA A 65 14.43 -8.63 -14.21
N LYS A 66 13.16 -8.78 -14.56
CA LYS A 66 12.80 -9.58 -15.72
C LYS A 66 13.40 -9.04 -17.00
N ALA A 67 13.73 -7.74 -17.03
CA ALA A 67 14.40 -7.18 -18.19
C ALA A 67 15.90 -7.45 -18.15
N MET A 68 16.53 -7.26 -16.99
CA MET A 68 17.97 -7.53 -16.87
C MET A 68 18.30 -8.97 -17.25
N ALA A 69 17.54 -9.91 -16.68
CA ALA A 69 17.77 -11.32 -16.98
C ALA A 69 17.46 -11.66 -18.44
N GLU A 70 16.62 -10.88 -19.11
CA GLU A 70 16.31 -11.13 -20.51
C GLU A 70 17.52 -10.95 -21.42
N ALA A 71 18.58 -10.30 -20.95
CA ALA A 71 19.81 -10.24 -21.73
C ALA A 71 20.37 -11.64 -21.96
N PHE A 72 20.28 -12.51 -20.95
CA PHE A 72 20.82 -13.85 -20.99
C PHE A 72 19.80 -14.88 -21.47
N ASP A 73 18.82 -14.47 -22.27
CA ASP A 73 17.82 -15.38 -22.83
C ASP A 73 18.42 -16.49 -23.66
N ILE A 74 19.72 -16.44 -23.94
CA ILE A 74 20.32 -17.30 -24.95
C ILE A 74 21.23 -18.37 -24.34
N ASN A 75 21.83 -18.10 -23.17
CA ASN A 75 22.60 -19.11 -22.45
C ASN A 75 21.71 -19.97 -21.55
N LEU A 76 21.06 -19.34 -20.58
CA LEU A 76 20.15 -20.05 -19.67
C LEU A 76 18.78 -20.11 -20.32
N LYS A 77 18.39 -21.29 -20.80
CA LYS A 77 17.14 -21.44 -21.54
C LYS A 77 15.99 -21.96 -20.70
N VAL A 78 16.20 -22.21 -19.41
CA VAL A 78 15.13 -22.58 -18.49
C VAL A 78 14.93 -21.43 -17.52
N VAL A 79 13.67 -21.09 -17.27
CA VAL A 79 13.30 -19.86 -16.58
C VAL A 79 12.77 -20.18 -15.20
N ASP A 80 13.37 -19.58 -14.18
CA ASP A 80 12.86 -19.66 -12.82
C ASP A 80 11.46 -19.06 -12.75
N ILE A 81 10.45 -19.91 -12.62
CA ILE A 81 9.06 -19.47 -12.57
C ILE A 81 8.76 -18.88 -11.20
N GLY A 82 9.72 -19.02 -10.28
CA GLY A 82 9.62 -18.40 -8.97
C GLY A 82 8.50 -19.01 -8.15
N TRP A 83 8.31 -18.43 -6.97
CA TRP A 83 7.22 -18.83 -6.09
C TRP A 83 5.84 -18.41 -6.61
N PRO A 84 5.70 -17.31 -7.36
CA PRO A 84 4.40 -17.01 -8.00
C PRO A 84 3.95 -18.06 -9.02
N GLY A 85 4.81 -19.01 -9.38
CA GLY A 85 4.41 -20.08 -10.28
C GLY A 85 4.51 -21.45 -9.64
N SER A 86 5.37 -21.58 -8.62
CA SER A 86 5.53 -22.84 -7.93
C SER A 86 4.42 -23.12 -6.92
N SER A 87 3.88 -22.06 -6.29
CA SER A 87 2.77 -22.26 -5.35
C SER A 87 1.52 -22.77 -6.04
N PRO A 88 1.01 -22.18 -7.14
CA PRO A 88 -0.17 -22.76 -7.79
C PRO A 88 0.04 -24.18 -8.28
N MET A 89 1.23 -24.51 -8.79
CA MET A 89 1.50 -25.87 -9.25
C MET A 89 1.40 -26.85 -8.09
N THR A 90 1.95 -26.47 -6.94
CA THR A 90 1.96 -27.35 -5.79
C THR A 90 0.57 -27.53 -5.18
N TRP A 91 -0.31 -26.52 -5.31
CA TRP A 91 -1.68 -26.61 -4.81
C TRP A 91 -2.55 -27.53 -5.64
N ALA A 92 -2.09 -27.96 -6.80
CA ALA A 92 -2.83 -28.88 -7.65
C ALA A 92 -2.44 -30.34 -7.43
N SER A 93 -1.51 -30.60 -6.51
CA SER A 93 -1.12 -31.97 -6.21
C SER A 93 -2.19 -32.66 -5.37
N GLN A 94 -2.24 -33.99 -5.46
CA GLN A 94 -3.21 -34.74 -4.67
C GLN A 94 -2.95 -34.62 -3.17
N ILE A 95 -1.72 -34.31 -2.77
CA ILE A 95 -1.37 -34.23 -1.36
C ILE A 95 -1.59 -32.81 -0.82
N ALA A 96 -2.29 -31.98 -1.58
CA ALA A 96 -2.41 -30.55 -1.24
C ALA A 96 -3.25 -30.31 0.02
N LEU A 97 -4.56 -30.55 -0.07
CA LEU A 97 -5.43 -30.29 1.08
C LEU A 97 -5.16 -31.25 2.23
N ILE A 98 -4.73 -32.47 1.94
CA ILE A 98 -4.39 -33.44 2.99
C ILE A 98 -3.16 -33.03 3.76
N ALA A 99 -2.37 -32.10 3.22
CA ALA A 99 -1.15 -31.64 3.89
C ALA A 99 -1.43 -30.71 5.05
N ILE A 100 -2.55 -29.98 5.03
CA ILE A 100 -2.87 -29.06 6.13
C ILE A 100 -3.04 -29.86 7.43
N PRO A 101 -3.91 -30.89 7.48
CA PRO A 101 -4.06 -31.60 8.76
C PRO A 101 -2.81 -32.36 9.16
N ILE A 102 -2.13 -32.97 8.19
CA ILE A 102 -0.93 -33.73 8.48
C ILE A 102 0.12 -32.85 9.13
N ALA A 103 0.27 -31.61 8.62
CA ALA A 103 1.21 -30.66 9.21
C ALA A 103 0.78 -30.21 10.60
N ILE A 104 -0.53 -30.05 10.82
CA ILE A 104 -0.99 -29.63 12.14
C ILE A 104 -0.81 -30.74 13.16
N VAL A 105 -1.10 -31.99 12.78
CA VAL A 105 -0.90 -33.12 13.69
C VAL A 105 0.59 -33.24 14.05
N VAL A 106 1.46 -33.10 13.06
CA VAL A 106 2.90 -33.19 13.32
C VAL A 106 3.34 -32.09 14.27
N ASN A 107 2.77 -30.89 14.14
CA ASN A 107 3.03 -29.85 15.11
C ASN A 107 2.44 -30.21 16.48
N LEU A 108 1.21 -30.71 16.50
CA LEU A 108 0.60 -31.09 17.77
C LEU A 108 1.37 -32.21 18.44
N VAL A 109 1.75 -33.24 17.68
CA VAL A 109 2.55 -34.31 18.26
C VAL A 109 3.87 -33.76 18.77
N MET A 110 4.51 -32.85 18.02
CA MET A 110 5.80 -32.32 18.43
C MET A 110 5.65 -31.39 19.62
N LEU A 111 4.53 -30.68 19.73
CA LEU A 111 4.32 -29.78 20.87
C LEU A 111 4.08 -30.58 22.16
N MET A 112 3.21 -31.59 22.08
CA MET A 112 2.92 -32.42 23.26
C MET A 112 4.18 -33.15 23.73
N THR A 113 4.91 -33.77 22.80
CA THR A 113 6.13 -34.50 23.10
C THR A 113 7.30 -33.59 23.47
N ARG A 114 7.05 -32.28 23.60
CA ARG A 114 8.06 -31.31 24.03
C ARG A 114 9.27 -31.32 23.11
N MET A 115 9.02 -31.45 21.81
CA MET A 115 10.09 -31.40 20.82
C MET A 115 10.22 -30.06 20.12
N THR A 116 9.20 -29.21 20.18
CA THR A 116 9.24 -27.92 19.51
C THR A 116 8.38 -26.94 20.28
N ARG A 117 8.63 -25.66 20.03
CA ARG A 117 7.93 -24.59 20.72
C ARG A 117 7.17 -23.70 19.76
N VAL A 118 7.02 -24.12 18.50
CA VAL A 118 6.37 -23.33 17.47
C VAL A 118 4.92 -23.80 17.34
N VAL A 119 3.98 -22.90 17.58
CA VAL A 119 2.58 -23.16 17.26
C VAL A 119 2.29 -22.49 15.92
N ASN A 120 2.64 -23.16 14.82
CA ASN A 120 2.43 -22.59 13.49
C ASN A 120 0.95 -22.30 13.26
N VAL A 121 0.68 -21.14 12.66
CA VAL A 121 -0.68 -20.75 12.29
C VAL A 121 -0.79 -20.41 10.81
N ASP A 122 0.32 -20.50 10.07
CA ASP A 122 0.32 -20.22 8.63
C ASP A 122 0.02 -21.53 7.89
N ILE A 123 -1.27 -21.78 7.69
CA ILE A 123 -1.72 -22.93 6.92
C ILE A 123 -1.63 -22.62 5.43
N TRP A 124 -0.99 -21.51 5.09
CA TRP A 124 -0.82 -21.10 3.71
C TRP A 124 0.57 -21.42 3.16
N ASN A 125 1.63 -21.23 3.95
CA ASN A 125 2.96 -21.68 3.57
C ASN A 125 3.19 -23.16 3.90
N ILE A 126 2.13 -23.95 3.95
CA ILE A 126 2.27 -25.41 3.97
C ILE A 126 2.70 -25.91 2.60
N TRP A 127 2.53 -25.08 1.57
CA TRP A 127 2.82 -25.51 0.20
C TRP A 127 4.31 -25.83 0.01
N HIS A 128 5.19 -25.10 0.71
CA HIS A 128 6.62 -25.46 0.68
C HIS A 128 6.81 -26.92 1.09
N MET A 129 6.02 -27.38 2.06
CA MET A 129 6.08 -28.79 2.44
C MET A 129 5.52 -29.68 1.35
N THR A 130 4.40 -29.28 0.73
CA THR A 130 3.80 -30.10 -0.31
C THR A 130 4.71 -30.21 -1.53
N PHE A 131 5.48 -29.15 -1.81
CA PHE A 131 6.41 -29.20 -2.92
C PHE A 131 7.47 -30.27 -2.70
N THR A 132 8.01 -30.35 -1.48
CA THR A 132 8.93 -31.43 -1.14
C THR A 132 8.22 -32.78 -1.24
N GLY A 133 6.95 -32.84 -0.82
CA GLY A 133 6.20 -34.07 -0.94
C GLY A 133 5.93 -34.45 -2.39
N ALA A 134 5.52 -33.46 -3.19
CA ALA A 134 5.10 -33.73 -4.56
C ALA A 134 6.28 -34.18 -5.44
N LEU A 135 7.43 -33.54 -5.30
CA LEU A 135 8.59 -33.93 -6.10
C LEU A 135 9.08 -35.33 -5.73
N VAL A 136 9.03 -35.67 -4.43
CA VAL A 136 9.31 -37.03 -4.00
C VAL A 136 8.33 -38.00 -4.66
N HIS A 137 7.08 -37.58 -4.83
CA HIS A 137 6.06 -38.46 -5.38
C HIS A 137 6.26 -38.67 -6.88
N ILE A 138 6.67 -37.63 -7.61
CA ILE A 138 6.97 -37.81 -9.03
C ILE A 138 8.23 -38.66 -9.21
N ALA A 139 9.21 -38.49 -8.32
CA ALA A 139 10.49 -39.17 -8.47
C ALA A 139 10.42 -40.62 -8.00
N THR A 140 9.96 -40.84 -6.77
CA THR A 140 9.89 -42.20 -6.23
C THR A 140 8.68 -42.96 -6.76
N GLY A 141 7.57 -42.27 -7.01
CA GLY A 141 6.34 -42.94 -7.37
C GLY A 141 5.62 -43.60 -6.22
N SER A 142 5.89 -43.20 -4.98
CA SER A 142 5.29 -43.80 -3.80
C SER A 142 4.48 -42.74 -3.07
N TYR A 143 3.17 -42.99 -2.92
CA TYR A 143 2.33 -42.07 -2.16
C TYR A 143 2.80 -41.95 -0.72
N ALA A 144 3.24 -43.06 -0.13
CA ALA A 144 3.76 -43.01 1.24
C ALA A 144 5.00 -42.14 1.33
N LEU A 145 5.93 -42.28 0.37
CA LEU A 145 7.13 -41.47 0.37
C LEU A 145 6.81 -40.01 0.17
N ALA A 146 5.71 -39.70 -0.52
CA ALA A 146 5.30 -38.30 -0.67
C ALA A 146 4.92 -37.71 0.68
N ILE A 147 4.08 -38.42 1.43
CA ILE A 147 3.60 -37.90 2.71
C ILE A 147 4.73 -37.80 3.72
N VAL A 148 5.70 -38.73 3.66
CA VAL A 148 6.81 -38.70 4.60
C VAL A 148 7.61 -37.41 4.44
N GLY A 149 7.89 -37.03 3.18
CA GLY A 149 8.66 -35.81 2.95
C GLY A 149 7.96 -34.57 3.49
N VAL A 150 6.63 -34.55 3.43
CA VAL A 150 5.87 -33.46 4.02
C VAL A 150 6.13 -33.41 5.52
N VAL A 151 6.06 -34.57 6.19
CA VAL A 151 6.30 -34.61 7.64
C VAL A 151 7.74 -34.20 7.93
N VAL A 152 8.70 -34.71 7.15
CA VAL A 152 10.10 -34.38 7.37
C VAL A 152 10.34 -32.90 7.11
N HIS A 153 9.72 -32.35 6.07
CA HIS A 153 9.78 -30.90 5.89
C HIS A 153 9.08 -30.18 7.04
N ALA A 154 7.94 -30.72 7.50
CA ALA A 154 7.25 -30.12 8.64
C ALA A 154 8.11 -30.18 9.89
N ALA A 155 8.69 -31.35 10.18
CA ALA A 155 9.51 -31.49 11.37
C ALA A 155 10.75 -30.61 11.30
N PHE A 156 11.33 -30.45 10.10
CA PHE A 156 12.51 -29.60 9.97
C PHE A 156 12.17 -28.13 10.19
N VAL A 157 11.13 -27.64 9.52
CA VAL A 157 10.81 -26.21 9.64
C VAL A 157 10.30 -25.88 11.04
N TYR A 158 9.57 -26.80 11.67
CA TYR A 158 9.15 -26.57 13.05
C TYR A 158 10.35 -26.42 13.97
N LYS A 159 11.42 -27.19 13.72
CA LYS A 159 12.65 -27.02 14.48
C LYS A 159 13.43 -25.78 14.02
N LEU A 160 13.26 -25.39 12.75
CA LEU A 160 13.90 -24.17 12.27
C LEU A 160 13.41 -22.95 13.04
N GLY A 161 12.12 -22.90 13.37
CA GLY A 161 11.61 -21.76 14.13
C GLY A 161 12.26 -21.63 15.49
N ASP A 162 12.40 -22.75 16.21
CA ASP A 162 13.01 -22.71 17.52
C ASP A 162 14.48 -22.27 17.44
N TRP A 163 15.20 -22.76 16.44
CA TRP A 163 16.63 -22.51 16.36
C TRP A 163 16.96 -21.13 15.80
N PHE A 164 16.01 -20.48 15.12
CA PHE A 164 16.16 -19.10 14.66
C PHE A 164 15.17 -18.16 15.35
N ALA A 165 14.93 -18.39 16.65
CA ALA A 165 13.97 -17.59 17.41
C ALA A 165 14.60 -16.32 17.99
N LYS A 166 15.85 -16.39 18.44
CA LYS A 166 16.51 -15.19 18.91
C LYS A 166 16.62 -14.16 17.79
N ASP A 167 16.95 -14.62 16.57
CA ASP A 167 17.07 -13.71 15.43
C ASP A 167 15.73 -13.05 15.11
N THR A 168 14.64 -13.80 15.14
CA THR A 168 13.33 -13.22 14.91
C THR A 168 12.93 -12.24 15.99
N ARG A 169 13.57 -12.27 17.16
CA ARG A 169 13.25 -11.35 18.25
C ARG A 169 14.32 -10.28 18.44
N ASP A 170 15.59 -10.67 18.58
CA ASP A 170 16.65 -9.71 18.83
C ASP A 170 17.01 -8.89 17.57
N PHE A 171 16.81 -9.44 16.39
CA PHE A 171 17.18 -8.77 15.16
C PHE A 171 16.00 -8.32 14.31
N PHE A 172 14.79 -8.81 14.58
CA PHE A 172 13.63 -8.47 13.78
C PHE A 172 12.49 -7.84 14.58
N GLY A 173 12.54 -7.88 15.91
CA GLY A 173 11.49 -7.33 16.73
C GLY A 173 10.20 -8.13 16.75
N LEU A 174 10.27 -9.43 16.50
CA LEU A 174 9.09 -10.30 16.48
C LEU A 174 9.15 -11.24 17.68
N ASP A 175 8.90 -10.69 18.86
CA ASP A 175 8.91 -11.47 20.08
C ASP A 175 7.74 -12.45 20.10
N GLY A 176 8.01 -13.67 20.56
CA GLY A 176 7.00 -14.71 20.66
C GLY A 176 6.58 -15.19 19.30
N ILE A 177 7.37 -14.80 18.29
CA ILE A 177 7.11 -15.12 16.90
C ILE A 177 8.30 -15.89 16.35
N ALA A 178 8.00 -16.97 15.62
CA ALA A 178 8.99 -17.76 14.92
C ALA A 178 8.63 -17.80 13.44
N ILE A 179 9.66 -17.82 12.61
CA ILE A 179 9.49 -17.83 11.16
C ILE A 179 9.99 -19.17 10.63
N PRO A 180 9.13 -20.19 10.61
CA PRO A 180 9.59 -21.51 10.16
C PRO A 180 9.59 -21.65 8.65
N HIS A 181 8.58 -21.07 8.02
CA HIS A 181 8.34 -21.24 6.59
C HIS A 181 9.34 -20.45 5.77
N GLY A 182 9.26 -20.64 4.47
CA GLY A 182 9.98 -19.72 3.59
C GLY A 182 11.38 -20.20 3.28
N THR A 183 11.82 -19.85 2.08
CA THR A 183 13.20 -20.01 1.65
C THR A 183 14.19 -19.51 2.69
N SER A 184 13.81 -18.43 3.36
CA SER A 184 14.73 -17.73 4.26
C SER A 184 15.20 -18.63 5.40
N ALA A 185 14.25 -19.28 6.09
CA ALA A 185 14.62 -20.08 7.24
C ALA A 185 15.35 -21.36 6.83
N TYR A 186 14.89 -22.03 5.78
CA TYR A 186 15.50 -23.30 5.42
C TYR A 186 16.83 -23.16 4.69
N LEU A 187 17.15 -21.97 4.19
CA LEU A 187 18.50 -21.69 3.73
C LEU A 187 19.34 -20.94 4.77
N GLY A 188 18.76 -20.64 5.94
CA GLY A 188 19.48 -20.08 7.05
C GLY A 188 20.65 -20.90 7.56
N PRO A 189 20.54 -22.24 7.63
CA PRO A 189 21.70 -23.03 8.08
C PRO A 189 22.95 -22.82 7.25
N ILE A 190 22.82 -22.48 5.97
CA ILE A 190 24.02 -22.26 5.15
C ILE A 190 24.76 -21.01 5.62
N ALA A 191 24.02 -19.95 5.97
CA ALA A 191 24.64 -18.72 6.45
C ALA A 191 25.41 -18.95 7.75
N VAL A 192 24.86 -19.79 8.63
CA VAL A 192 25.55 -20.14 9.87
C VAL A 192 26.89 -20.78 9.57
N LEU A 193 26.96 -21.57 8.50
CA LEU A 193 28.21 -22.22 8.13
C LEU A 193 29.24 -21.21 7.61
N VAL A 194 28.78 -20.21 6.85
CA VAL A 194 29.70 -19.21 6.31
C VAL A 194 30.25 -18.33 7.43
N ASP A 195 29.42 -17.99 8.41
CA ASP A 195 29.89 -17.16 9.52
C ASP A 195 30.96 -17.86 10.33
N THR A 196 30.81 -19.17 10.55
CA THR A 196 31.80 -19.92 11.32
C THR A 196 33.16 -19.91 10.65
N VAL A 197 33.19 -20.16 9.33
CA VAL A 197 34.45 -20.22 8.60
C VAL A 197 35.16 -18.87 8.64
N ILE A 198 34.45 -17.80 8.32
CA ILE A 198 35.05 -16.48 8.26
C ILE A 198 35.57 -16.08 9.64
N GLU A 199 34.77 -16.27 10.68
CA GLU A 199 35.18 -15.90 12.02
C GLU A 199 36.38 -16.71 12.50
N LYS A 200 36.64 -17.87 11.90
CA LYS A 200 37.86 -18.61 12.18
C LYS A 200 39.05 -18.16 11.34
N ILE A 201 38.81 -17.42 10.26
CA ILE A 201 39.89 -16.86 9.44
C ILE A 201 40.36 -15.54 10.04
N PRO A 202 41.65 -15.37 10.29
CA PRO A 202 42.15 -14.09 10.79
C PRO A 202 41.99 -12.98 9.77
N GLY A 203 41.80 -11.77 10.26
CA GLY A 203 41.58 -10.60 9.40
C GLY A 203 40.23 -10.51 8.71
N LEU A 204 39.79 -11.58 8.05
CA LEU A 204 38.46 -11.61 7.48
C LEU A 204 37.36 -11.65 8.53
N ASN A 205 37.71 -11.93 9.79
CA ASN A 205 36.76 -11.85 10.89
C ASN A 205 36.59 -10.44 11.43
N ARG A 206 37.37 -9.49 10.93
CA ARG A 206 37.35 -8.11 11.41
C ARG A 206 37.01 -7.14 10.28
N ILE A 207 36.08 -7.53 9.42
CA ILE A 207 35.62 -6.68 8.31
C ILE A 207 34.15 -6.37 8.55
N HIS A 208 33.85 -5.08 8.73
CA HIS A 208 32.51 -4.63 9.13
C HIS A 208 32.01 -3.62 8.12
N PHE A 209 30.85 -3.92 7.50
CA PHE A 209 30.16 -3.00 6.57
C PHE A 209 28.67 -3.05 6.93
N SER A 210 28.32 -2.38 8.02
CA SER A 210 26.96 -2.38 8.53
C SER A 210 26.24 -1.09 8.13
N ALA A 211 24.92 -1.11 8.33
CA ALA A 211 24.09 0.04 7.98
C ALA A 211 24.44 1.26 8.83
N ASP A 212 24.67 1.06 10.13
CA ASP A 212 25.02 2.19 10.99
C ASP A 212 26.34 2.81 10.55
N ASP A 213 27.31 1.97 10.18
CA ASP A 213 28.56 2.49 9.63
C ASP A 213 28.35 3.17 8.28
N VAL A 214 27.34 2.73 7.52
CA VAL A 214 27.00 3.40 6.27
C VAL A 214 26.46 4.80 6.54
N GLN A 215 25.69 4.96 7.62
CA GLN A 215 25.04 6.24 7.89
C GLN A 215 26.07 7.29 8.33
N LYS A 216 26.96 6.94 9.27
CA LYS A 216 27.92 7.93 9.75
C LYS A 216 28.88 8.37 8.66
N ARG A 217 29.29 7.45 7.78
CA ARG A 217 30.19 7.81 6.69
C ARG A 217 29.53 8.77 5.71
N PHE A 218 28.34 8.44 5.24
CA PHE A 218 27.67 9.25 4.22
C PHE A 218 26.77 10.32 4.83
N GLY A 219 25.99 9.96 5.85
CA GLY A 219 25.05 10.91 6.42
C GLY A 219 23.62 10.57 6.03
N ALA A 220 22.89 11.58 5.55
CA ALA A 220 21.54 11.33 5.04
C ALA A 220 21.57 10.47 3.79
N PHE A 221 22.71 10.40 3.11
CA PHE A 221 22.88 9.58 1.91
C PHE A 221 23.15 8.12 2.23
N GLY A 222 23.31 7.78 3.50
CA GLY A 222 23.46 6.39 3.93
C GLY A 222 22.25 5.88 4.67
N GLU A 223 21.21 6.70 4.74
CA GLU A 223 19.97 6.29 5.39
C GLU A 223 19.24 5.25 4.55
N PRO A 224 18.45 4.38 5.17
CA PRO A 224 17.75 3.33 4.40
C PRO A 224 16.93 3.85 3.24
N VAL A 225 16.17 4.94 3.45
CA VAL A 225 15.29 5.44 2.41
C VAL A 225 16.10 6.00 1.24
N THR A 226 17.22 6.66 1.53
CA THR A 226 18.10 7.11 0.47
C THR A 226 18.70 5.94 -0.31
N ILE A 227 19.08 4.88 0.40
CA ILE A 227 19.82 3.78 -0.22
C ILE A 227 18.95 3.04 -1.22
N GLY A 228 17.68 2.80 -0.88
CA GLY A 228 16.78 2.15 -1.82
C GLY A 228 16.63 2.94 -3.11
N PHE A 229 16.60 4.27 -3.02
CA PHE A 229 16.54 5.12 -4.20
C PHE A 229 17.74 4.90 -5.11
N VAL A 230 18.95 5.00 -4.53
CA VAL A 230 20.16 4.91 -5.34
C VAL A 230 20.18 3.60 -6.10
N MET A 231 19.82 2.50 -5.42
CA MET A 231 19.71 1.21 -6.08
C MET A 231 18.52 1.16 -7.03
N GLY A 232 17.44 1.87 -6.70
CA GLY A 232 16.32 1.94 -7.63
C GLY A 232 16.71 2.59 -8.94
N LEU A 233 17.58 3.60 -8.88
CA LEU A 233 18.16 4.16 -10.10
C LEU A 233 18.92 3.10 -10.87
N VAL A 234 19.79 2.35 -10.17
CA VAL A 234 20.62 1.35 -10.82
C VAL A 234 19.78 0.22 -11.38
N ILE A 235 18.77 -0.23 -10.64
CA ILE A 235 17.93 -1.31 -11.12
C ILE A 235 17.14 -0.88 -12.35
N GLY A 236 16.75 0.40 -12.43
CA GLY A 236 16.12 0.88 -13.63
C GLY A 236 17.05 0.91 -14.82
N LEU A 237 18.25 1.46 -14.63
CA LEU A 237 19.20 1.58 -15.74
C LEU A 237 19.61 0.21 -16.27
N LEU A 238 19.88 -0.74 -15.37
CA LEU A 238 20.35 -2.05 -15.81
C LEU A 238 19.28 -2.80 -16.59
N ALA A 239 18.01 -2.53 -16.30
CA ALA A 239 16.92 -3.04 -17.11
C ALA A 239 16.78 -2.31 -18.44
N GLY A 240 17.60 -1.29 -18.69
CA GLY A 240 17.47 -0.54 -19.92
C GLY A 240 16.29 0.39 -19.95
N TYR A 241 15.79 0.79 -18.78
CA TYR A 241 14.65 1.69 -18.72
C TYR A 241 15.04 3.08 -19.20
N GLU A 242 14.04 3.90 -19.50
CA GLU A 242 14.30 5.29 -19.82
C GLU A 242 14.77 6.02 -18.57
N ILE A 243 15.10 7.30 -18.73
CA ILE A 243 15.55 8.09 -17.59
C ILE A 243 14.42 8.37 -16.62
N LYS A 244 13.17 8.47 -17.12
CA LYS A 244 12.06 8.74 -16.22
C LYS A 244 11.64 7.49 -15.46
N ALA A 245 11.56 6.34 -16.15
CA ALA A 245 11.17 5.11 -15.48
C ALA A 245 12.21 4.70 -14.44
N VAL A 246 13.48 4.98 -14.72
CA VAL A 246 14.53 4.81 -13.72
C VAL A 246 14.19 5.62 -12.49
N LEU A 247 13.75 6.87 -12.69
CA LEU A 247 13.46 7.74 -11.56
C LEU A 247 12.17 7.34 -10.86
N GLN A 248 11.14 6.97 -11.64
CA GLN A 248 9.87 6.57 -11.04
C GLN A 248 10.00 5.27 -10.25
N LEU A 249 10.76 4.31 -10.79
CA LEU A 249 11.02 3.08 -10.05
C LEU A 249 11.80 3.36 -8.77
N ALA A 250 12.74 4.31 -8.83
CA ALA A 250 13.66 4.50 -7.72
C ALA A 250 12.95 5.03 -6.48
N VAL A 251 11.97 5.93 -6.65
CA VAL A 251 11.18 6.36 -5.51
C VAL A 251 10.36 5.20 -4.96
N LYS A 252 9.84 4.36 -5.85
CA LYS A 252 9.02 3.23 -5.43
C LYS A 252 9.86 2.15 -4.74
N THR A 253 11.10 1.96 -5.17
CA THR A 253 11.98 1.00 -4.48
C THR A 253 12.39 1.52 -3.11
N ALA A 254 12.59 2.83 -2.97
CA ALA A 254 12.83 3.43 -1.67
C ALA A 254 11.57 3.48 -0.82
N ALA A 255 10.41 3.68 -1.47
CA ALA A 255 9.14 3.64 -0.76
C ALA A 255 8.93 2.29 -0.09
N VAL A 256 9.46 1.22 -0.71
CA VAL A 256 9.37 -0.11 -0.11
C VAL A 256 10.03 -0.11 1.26
N MET A 257 11.19 0.54 1.38
CA MET A 257 11.94 0.49 2.63
C MET A 257 11.22 1.24 3.75
N LEU A 258 10.38 2.22 3.41
CA LEU A 258 9.70 2.99 4.43
C LEU A 258 8.31 2.44 4.74
N LEU A 259 7.59 1.98 3.72
CA LEU A 259 6.22 1.53 3.93
C LEU A 259 6.16 0.16 4.61
N MET A 260 7.02 -0.78 4.20
CA MET A 260 6.94 -2.15 4.68
C MET A 260 7.15 -2.28 6.18
N PRO A 261 8.10 -1.58 6.81
CA PRO A 261 8.14 -1.58 8.28
C PRO A 261 6.86 -1.09 8.93
N ARG A 262 6.13 -0.19 8.28
CA ARG A 262 4.94 0.42 8.85
C ARG A 262 3.65 -0.35 8.53
N VAL A 263 3.70 -1.36 7.66
CA VAL A 263 2.54 -2.20 7.41
C VAL A 263 2.58 -3.49 8.23
N ILE A 264 3.73 -3.86 8.78
CA ILE A 264 3.84 -5.01 9.67
C ILE A 264 3.63 -4.63 11.12
N LYS A 265 3.87 -3.37 11.49
CA LYS A 265 3.66 -2.92 12.87
C LYS A 265 2.28 -3.24 13.43
N PRO A 266 1.17 -3.05 12.69
CA PRO A 266 -0.14 -3.41 13.26
C PRO A 266 -0.27 -4.88 13.64
N ILE A 267 0.43 -5.79 12.98
CA ILE A 267 0.45 -7.18 13.43
C ILE A 267 1.15 -7.29 14.78
N MET A 268 2.30 -6.61 14.93
CA MET A 268 3.00 -6.60 16.19
C MET A 268 2.12 -6.02 17.29
N ASP A 269 1.51 -4.86 17.02
CA ASP A 269 0.73 -4.16 18.02
C ASP A 269 -0.53 -4.91 18.41
N GLY A 270 -1.04 -5.78 17.53
CA GLY A 270 -2.21 -6.58 17.85
C GLY A 270 -1.86 -7.84 18.62
N LEU A 271 -0.71 -8.44 18.32
CA LEU A 271 -0.27 -9.63 19.02
C LEU A 271 0.30 -9.31 20.39
N THR A 272 0.87 -8.12 20.58
CA THR A 272 1.57 -7.81 21.82
C THR A 272 0.69 -7.89 23.07
N PRO A 273 -0.51 -7.30 23.10
CA PRO A 273 -1.34 -7.43 24.32
C PRO A 273 -1.76 -8.86 24.62
N ILE A 274 -1.97 -9.69 23.60
CA ILE A 274 -2.32 -11.08 23.83
C ILE A 274 -1.14 -11.85 24.39
N ALA A 275 0.06 -11.55 23.91
CA ALA A 275 1.25 -12.27 24.37
C ALA A 275 1.43 -12.14 25.88
N LYS A 276 1.31 -10.91 26.39
CA LYS A 276 1.57 -10.69 27.81
C LYS A 276 0.55 -11.39 28.69
N GLN A 277 -0.73 -11.36 28.31
CA GLN A 277 -1.74 -12.08 29.09
C GLN A 277 -1.49 -13.58 29.06
N ALA A 278 -1.08 -14.11 27.91
CA ALA A 278 -0.77 -15.53 27.81
C ALA A 278 0.38 -15.92 28.74
N ARG A 279 1.43 -15.09 28.79
CA ARG A 279 2.50 -15.31 29.76
C ARG A 279 1.98 -15.21 31.19
N SER A 280 1.01 -14.34 31.44
CA SER A 280 0.47 -14.21 32.79
C SER A 280 -0.27 -15.47 33.22
N ARG A 281 -1.12 -16.00 32.34
CA ARG A 281 -1.90 -17.19 32.72
C ARG A 281 -1.06 -18.46 32.63
N LEU A 282 -0.42 -18.68 31.50
CA LEU A 282 0.17 -19.97 31.15
C LEU A 282 1.59 -20.15 31.67
N GLN A 283 2.15 -19.18 32.38
CA GLN A 283 3.52 -19.31 32.86
C GLN A 283 3.68 -20.53 33.76
N ALA A 284 2.98 -20.55 34.90
CA ALA A 284 3.15 -21.63 35.86
C ALA A 284 2.61 -22.95 35.32
N LYS A 285 1.50 -22.92 34.58
CA LYS A 285 0.88 -24.16 34.13
C LYS A 285 1.82 -24.95 33.22
N PHE A 286 2.52 -24.26 32.32
CA PHE A 286 3.42 -24.91 31.38
C PHE A 286 4.88 -24.81 31.81
N GLY A 287 5.14 -24.96 33.11
CA GLY A 287 6.51 -25.03 33.61
C GLY A 287 7.38 -23.84 33.27
N GLY A 288 6.78 -22.67 33.06
CA GLY A 288 7.54 -21.50 32.68
C GLY A 288 8.20 -21.62 31.32
N GLN A 289 7.47 -22.13 30.33
CA GLN A 289 7.99 -22.33 28.98
C GLN A 289 7.37 -21.29 28.05
N ASP A 290 8.21 -20.66 27.24
CA ASP A 290 7.80 -19.56 26.36
C ASP A 290 7.54 -20.10 24.97
N PHE A 291 6.33 -19.88 24.48
CA PHE A 291 5.93 -20.37 23.17
C PHE A 291 6.13 -19.31 22.09
N LEU A 292 6.21 -19.78 20.84
CA LEU A 292 6.40 -18.93 19.67
C LEU A 292 5.28 -19.20 18.68
N ILE A 293 4.69 -18.14 18.16
CA ILE A 293 3.69 -18.25 17.11
C ILE A 293 4.42 -18.22 15.77
N GLY A 294 3.92 -19.00 14.81
CA GLY A 294 4.60 -19.13 13.54
C GLY A 294 3.87 -18.43 12.42
N LEU A 295 4.49 -17.39 11.85
CA LEU A 295 3.81 -16.56 10.86
C LEU A 295 4.58 -16.53 9.54
N ASP A 296 4.26 -15.57 8.69
CA ASP A 296 4.81 -15.52 7.34
C ASP A 296 6.25 -15.02 7.36
N PRO A 297 7.07 -15.46 6.41
CA PRO A 297 8.42 -14.90 6.26
C PRO A 297 8.44 -13.50 5.65
N ALA A 298 7.29 -12.88 5.41
CA ALA A 298 7.25 -11.53 4.88
C ALA A 298 7.43 -10.47 5.97
N LEU A 299 7.20 -10.81 7.23
CA LEU A 299 7.50 -9.86 8.30
C LEU A 299 8.99 -9.64 8.48
N LEU A 300 9.83 -10.48 7.85
CA LEU A 300 11.26 -10.28 7.87
C LEU A 300 11.72 -9.21 6.89
N LEU A 301 10.90 -8.86 5.90
CA LEU A 301 11.20 -7.79 4.97
C LEU A 301 10.88 -6.42 5.53
N GLY A 302 10.40 -6.35 6.77
CA GLY A 302 10.31 -5.09 7.48
C GLY A 302 11.63 -4.58 7.98
N HIS A 303 12.69 -5.39 7.89
CA HIS A 303 14.04 -4.93 8.21
C HIS A 303 14.60 -4.19 7.00
N THR A 304 14.99 -2.93 7.21
CA THR A 304 15.53 -2.13 6.11
C THR A 304 16.86 -2.67 5.58
N SER A 305 17.55 -3.50 6.37
CA SER A 305 18.77 -4.13 5.89
C SER A 305 18.50 -5.32 4.98
N VAL A 306 17.28 -5.87 5.02
CA VAL A 306 16.95 -6.98 4.14
C VAL A 306 16.53 -6.48 2.77
N VAL A 307 15.72 -5.41 2.73
CA VAL A 307 15.30 -4.85 1.46
C VAL A 307 16.50 -4.40 0.65
N SER A 308 17.50 -3.82 1.32
CA SER A 308 18.75 -3.46 0.63
C SER A 308 19.38 -4.70 0.00
N ALA A 309 19.47 -5.79 0.76
CA ALA A 309 19.97 -7.03 0.23
C ALA A 309 19.07 -7.62 -0.86
N SER A 310 17.79 -7.25 -0.89
CA SER A 310 16.90 -7.71 -1.94
C SER A 310 17.09 -6.96 -3.25
N LEU A 311 17.62 -5.74 -3.20
CA LEU A 311 17.95 -5.01 -4.41
C LEU A 311 19.39 -5.26 -4.84
N ILE A 312 20.31 -5.36 -3.88
CA ILE A 312 21.71 -5.66 -4.19
C ILE A 312 21.84 -6.99 -4.91
N PHE A 313 20.98 -7.96 -4.57
CA PHE A 313 21.11 -9.31 -5.09
C PHE A 313 20.25 -9.58 -6.31
N ILE A 314 19.62 -8.57 -6.88
CA ILE A 314 18.92 -8.75 -8.14
C ILE A 314 19.94 -8.93 -9.27
N PRO A 315 20.96 -8.06 -9.39
CA PRO A 315 22.00 -8.34 -10.40
C PRO A 315 22.88 -9.53 -10.04
N LEU A 316 23.23 -9.69 -8.76
CA LEU A 316 24.18 -10.73 -8.36
C LEU A 316 23.62 -12.12 -8.64
N THR A 317 22.40 -12.40 -8.21
CA THR A 317 21.79 -13.70 -8.49
C THR A 317 21.80 -13.98 -9.99
N ILE A 318 21.59 -12.95 -10.81
CA ILE A 318 21.68 -13.10 -12.26
C ILE A 318 23.11 -13.41 -12.67
N LEU A 319 24.06 -12.60 -12.20
CA LEU A 319 25.46 -12.82 -12.54
C LEU A 319 25.98 -14.14 -12.00
N ILE A 320 25.48 -14.56 -10.84
CA ILE A 320 25.81 -15.89 -10.30
C ILE A 320 25.35 -16.96 -11.26
N ALA A 321 24.17 -16.78 -11.86
CA ALA A 321 23.58 -17.78 -12.73
C ALA A 321 24.36 -18.00 -14.02
N VAL A 322 25.31 -17.11 -14.34
CA VAL A 322 26.13 -17.28 -15.54
C VAL A 322 27.36 -18.12 -15.27
N VAL A 323 27.95 -18.02 -14.08
CA VAL A 323 29.21 -18.66 -13.78
C VAL A 323 29.04 -19.90 -12.90
N THR A 324 27.87 -20.11 -12.30
CA THR A 324 27.61 -21.33 -11.54
C THR A 324 27.79 -22.53 -12.47
N PRO A 325 28.65 -23.49 -12.13
CA PRO A 325 28.89 -24.62 -13.03
C PRO A 325 27.69 -25.53 -13.08
N GLY A 326 27.17 -25.76 -14.29
CA GLY A 326 26.04 -26.63 -14.48
C GLY A 326 24.68 -25.99 -14.31
N ASN A 327 24.59 -24.66 -14.35
CA ASN A 327 23.33 -23.95 -14.15
C ASN A 327 22.64 -23.74 -15.49
N GLN A 328 21.46 -24.33 -15.65
CA GLN A 328 20.61 -24.13 -16.80
C GLN A 328 19.39 -23.27 -16.49
N VAL A 329 19.29 -22.75 -15.27
CA VAL A 329 18.08 -22.09 -14.78
C VAL A 329 18.33 -20.58 -14.76
N LEU A 330 17.50 -19.84 -15.48
CA LEU A 330 17.60 -18.38 -15.52
C LEU A 330 16.74 -17.78 -14.42
N PRO A 331 17.32 -17.10 -13.43
CA PRO A 331 16.52 -16.48 -12.39
C PRO A 331 15.55 -15.46 -12.97
N PHE A 332 14.34 -15.43 -12.42
CA PHE A 332 13.27 -14.65 -13.03
C PHE A 332 12.19 -14.28 -12.01
N GLY A 333 11.29 -15.22 -11.72
CA GLY A 333 10.16 -14.90 -10.87
C GLY A 333 10.57 -14.48 -9.47
N ASP A 334 11.58 -15.14 -8.91
CA ASP A 334 12.01 -14.89 -7.53
C ASP A 334 12.87 -13.63 -7.40
N LEU A 335 13.07 -12.88 -8.47
CA LEU A 335 13.98 -11.73 -8.40
C LEU A 335 13.31 -10.49 -7.82
N ALA A 336 12.01 -10.31 -8.06
CA ALA A 336 11.31 -9.17 -7.46
C ALA A 336 11.40 -9.19 -5.94
N THR A 337 11.48 -10.38 -5.35
CA THR A 337 11.57 -10.55 -3.90
C THR A 337 12.72 -11.51 -3.59
N ILE A 338 13.93 -11.15 -4.03
CA ILE A 338 15.07 -12.04 -3.83
C ILE A 338 15.55 -12.03 -2.38
N GLY A 339 15.19 -11.01 -1.60
CA GLY A 339 15.57 -10.97 -0.20
C GLY A 339 14.98 -12.08 0.63
N PHE A 340 14.00 -12.80 0.09
CA PHE A 340 13.41 -13.95 0.76
C PHE A 340 14.39 -15.11 0.91
N PHE A 341 15.51 -15.09 0.19
CA PHE A 341 16.50 -16.16 0.23
C PHE A 341 17.58 -15.94 1.29
N VAL A 342 17.93 -14.68 1.57
CA VAL A 342 19.07 -14.36 2.43
C VAL A 342 18.58 -13.65 3.69
N ALA A 343 17.33 -13.88 4.07
CA ALA A 343 16.72 -13.10 5.14
C ALA A 343 17.36 -13.43 6.49
N MET A 344 17.50 -14.72 6.82
CA MET A 344 18.15 -15.07 8.07
C MET A 344 19.66 -14.90 8.02
N ALA A 345 20.25 -14.92 6.82
CA ALA A 345 21.66 -14.60 6.68
C ALA A 345 21.95 -13.18 7.16
N VAL A 346 20.99 -12.27 6.98
CA VAL A 346 21.16 -10.91 7.49
C VAL A 346 21.21 -10.92 9.01
N ALA A 347 20.46 -11.82 9.66
CA ALA A 347 20.43 -11.86 11.11
C ALA A 347 21.60 -12.63 11.69
N VAL A 348 22.13 -13.63 10.97
CA VAL A 348 23.26 -14.41 11.47
C VAL A 348 24.52 -13.56 11.51
N HIS A 349 24.80 -12.85 10.41
CA HIS A 349 25.97 -11.96 10.34
C HIS A 349 25.75 -10.64 11.06
N GLN A 350 24.63 -10.48 11.77
CA GLN A 350 24.28 -9.25 12.46
C GLN A 350 24.27 -8.06 11.50
N GLY A 351 23.83 -8.29 10.26
CA GLY A 351 23.72 -7.25 9.27
C GLY A 351 25.00 -6.91 8.52
N ASN A 352 26.07 -7.67 8.71
CA ASN A 352 27.34 -7.39 8.05
C ASN A 352 27.20 -7.69 6.56
N LEU A 353 27.21 -6.63 5.73
CA LEU A 353 27.06 -6.80 4.30
C LEU A 353 28.23 -7.59 3.70
N PHE A 354 29.43 -7.47 4.30
CA PHE A 354 30.55 -8.26 3.83
C PHE A 354 30.27 -9.75 3.97
N ARG A 355 29.75 -10.17 5.13
CA ARG A 355 29.41 -11.58 5.31
C ARG A 355 28.06 -11.93 4.72
N THR A 356 27.15 -10.96 4.59
CA THR A 356 25.91 -11.21 3.87
C THR A 356 26.19 -11.58 2.42
N LEU A 357 27.06 -10.81 1.75
CA LEU A 357 27.36 -11.05 0.35
C LEU A 357 28.04 -12.40 0.16
N ILE A 358 28.99 -12.72 1.02
CA ILE A 358 29.72 -13.98 0.87
C ILE A 358 28.80 -15.17 1.13
N SER A 359 27.86 -15.04 2.07
CA SER A 359 26.83 -16.06 2.20
C SER A 359 25.87 -16.04 1.03
N GLY A 360 25.44 -14.84 0.63
CA GLY A 360 24.42 -14.72 -0.39
C GLY A 360 24.82 -15.33 -1.72
N VAL A 361 26.10 -15.24 -2.09
CA VAL A 361 26.57 -15.89 -3.30
C VAL A 361 26.53 -17.41 -3.14
N ILE A 362 26.88 -17.91 -1.95
CA ILE A 362 26.87 -19.35 -1.71
C ILE A 362 25.47 -19.93 -1.88
N ILE A 363 24.48 -19.27 -1.27
CA ILE A 363 23.14 -19.83 -1.24
C ILE A 363 22.53 -19.85 -2.63
N MET A 364 22.78 -18.83 -3.44
CA MET A 364 22.21 -18.77 -4.78
C MET A 364 22.82 -19.85 -5.68
N SER A 365 24.14 -20.00 -5.65
CA SER A 365 24.78 -20.99 -6.51
C SER A 365 24.28 -22.39 -6.17
N ILE A 366 24.14 -22.67 -4.88
CA ILE A 366 23.62 -23.97 -4.46
C ILE A 366 22.19 -24.15 -4.93
N THR A 367 21.34 -23.14 -4.69
CA THR A 367 19.95 -23.25 -5.11
C THR A 367 19.81 -23.27 -6.62
N LEU A 368 20.56 -22.42 -7.34
CA LEU A 368 20.52 -22.45 -8.79
C LEU A 368 21.04 -23.78 -9.33
N TRP A 369 22.11 -24.30 -8.72
CA TRP A 369 22.59 -25.62 -9.12
C TRP A 369 21.55 -26.70 -8.83
N ILE A 370 20.95 -26.67 -7.64
CA ILE A 370 19.91 -27.64 -7.31
C ILE A 370 18.68 -27.44 -8.19
N ALA A 371 18.30 -26.19 -8.45
CA ALA A 371 17.16 -25.93 -9.31
C ALA A 371 17.38 -26.43 -10.74
N THR A 372 18.63 -26.51 -11.18
CA THR A 372 18.92 -27.18 -12.46
C THR A 372 18.70 -28.68 -12.35
N GLN A 373 19.06 -29.28 -11.22
CA GLN A 373 18.98 -30.72 -11.05
C GLN A 373 17.56 -31.21 -10.77
N THR A 374 16.60 -30.29 -10.62
CA THR A 374 15.21 -30.66 -10.36
C THR A 374 14.27 -30.20 -11.47
N ILE A 375 14.78 -29.97 -12.67
CA ILE A 375 13.93 -29.47 -13.76
C ILE A 375 12.96 -30.55 -14.23
N GLY A 376 13.43 -31.79 -14.35
CA GLY A 376 12.56 -32.85 -14.84
C GLY A 376 11.31 -33.04 -14.00
N LEU A 377 11.46 -33.01 -12.68
CA LEU A 377 10.30 -33.11 -11.80
C LEU A 377 9.43 -31.87 -11.89
N HIS A 378 10.05 -30.68 -11.86
CA HIS A 378 9.30 -29.43 -11.93
C HIS A 378 8.49 -29.36 -13.22
N THR A 379 9.07 -29.79 -14.34
CA THR A 379 8.32 -29.82 -15.60
C THR A 379 7.14 -30.79 -15.50
N GLN A 380 7.33 -31.93 -14.84
CA GLN A 380 6.23 -32.86 -14.66
C GLN A 380 5.25 -32.38 -13.59
N LEU A 381 5.72 -31.60 -12.61
CA LEU A 381 4.78 -30.96 -11.69
C LEU A 381 3.84 -30.03 -12.45
N ALA A 382 4.30 -29.42 -13.54
CA ALA A 382 3.45 -28.55 -14.35
C ALA A 382 2.54 -29.35 -15.27
N ALA A 383 3.06 -30.43 -15.85
CA ALA A 383 2.24 -31.26 -16.74
C ALA A 383 1.08 -31.88 -15.99
N ASN A 384 1.33 -32.36 -14.76
CA ASN A 384 0.26 -32.89 -13.93
C ASN A 384 -0.66 -31.77 -13.44
N ALA A 385 -0.21 -30.52 -13.45
CA ALA A 385 -1.03 -29.39 -13.04
C ALA A 385 -1.75 -28.72 -14.21
N GLY A 386 -1.40 -29.09 -15.44
CA GLY A 386 -1.98 -28.50 -16.63
C GLY A 386 -1.33 -27.24 -17.15
N SER A 387 -0.19 -26.84 -16.61
CA SER A 387 0.51 -25.63 -17.05
C SER A 387 1.65 -25.96 -18.01
N LEU A 388 1.34 -26.72 -19.06
CA LEU A 388 2.35 -27.14 -20.02
C LEU A 388 1.71 -27.28 -21.39
N THR A 389 2.53 -27.10 -22.42
CA THR A 389 2.15 -27.22 -23.81
C THR A 389 2.82 -28.45 -24.42
N GLY A 390 2.95 -28.44 -25.76
CA GLY A 390 3.75 -29.43 -26.45
C GLY A 390 5.08 -28.93 -26.95
N ASP A 391 5.57 -27.79 -26.46
CA ASP A 391 6.81 -27.23 -26.98
C ASP A 391 8.02 -28.07 -26.59
N GLY A 392 8.00 -28.62 -25.38
CA GLY A 392 9.20 -29.10 -24.76
C GLY A 392 9.88 -28.10 -23.86
N SER A 393 9.24 -26.95 -23.64
CA SER A 393 9.77 -25.95 -22.72
C SER A 393 9.73 -26.48 -21.29
N LEU A 394 10.80 -26.25 -20.55
CA LEU A 394 11.02 -26.87 -19.25
C LEU A 394 10.75 -25.89 -18.12
N VAL A 395 10.29 -26.42 -16.99
CA VAL A 395 9.92 -25.65 -15.82
C VAL A 395 10.96 -25.85 -14.73
N ALA A 396 11.34 -24.76 -14.08
CA ALA A 396 12.24 -24.80 -12.94
C ALA A 396 11.96 -23.58 -12.06
N SER A 397 12.40 -23.67 -10.81
CA SER A 397 12.24 -22.55 -9.90
C SER A 397 13.28 -22.66 -8.78
N MET A 398 13.86 -21.52 -8.40
CA MET A 398 14.76 -21.53 -7.26
C MET A 398 14.02 -21.63 -5.94
N ASP A 399 12.78 -21.13 -5.88
CA ASP A 399 11.97 -21.27 -4.69
C ASP A 399 11.39 -22.68 -4.67
N GLN A 400 11.88 -23.50 -3.72
CA GLN A 400 11.48 -24.89 -3.49
C GLN A 400 12.14 -25.84 -4.47
N GLY A 401 12.27 -25.43 -5.73
CA GLY A 401 13.01 -26.23 -6.69
C GLY A 401 14.49 -26.30 -6.37
N GLY A 402 15.09 -25.16 -6.03
CA GLY A 402 16.47 -25.15 -5.57
C GLY A 402 16.62 -25.54 -4.12
N SER A 403 15.53 -25.94 -3.48
CA SER A 403 15.55 -26.26 -2.06
C SER A 403 16.46 -27.45 -1.79
N PRO A 404 17.40 -27.35 -0.86
CA PRO A 404 18.11 -28.55 -0.39
C PRO A 404 17.19 -29.58 0.25
N ILE A 405 16.11 -29.15 0.93
CA ILE A 405 15.24 -30.12 1.59
C ILE A 405 14.57 -31.03 0.57
N THR A 406 13.98 -30.45 -0.47
CA THR A 406 13.40 -31.27 -1.52
C THR A 406 14.47 -32.10 -2.23
N TYR A 407 15.63 -31.49 -2.50
CA TYR A 407 16.69 -32.20 -3.19
C TYR A 407 17.18 -33.39 -2.38
N LEU A 408 17.60 -33.14 -1.13
CA LEU A 408 18.19 -34.21 -0.34
C LEU A 408 17.18 -35.29 0.00
N LEU A 409 15.91 -34.93 0.16
CA LEU A 409 14.89 -35.96 0.33
C LEU A 409 14.73 -36.78 -0.94
N VAL A 410 14.63 -36.12 -2.09
CA VAL A 410 14.53 -36.85 -3.35
C VAL A 410 15.80 -37.66 -3.62
N GLN A 411 16.96 -37.11 -3.27
CA GLN A 411 18.22 -37.80 -3.52
C GLN A 411 18.55 -38.84 -2.46
N ALA A 412 17.82 -38.89 -1.36
CA ALA A 412 18.03 -39.97 -0.39
C ALA A 412 17.18 -41.19 -0.70
N LEU A 413 16.02 -40.99 -1.32
CA LEU A 413 15.10 -42.09 -1.59
C LEU A 413 15.27 -42.67 -2.99
N THR A 414 15.74 -41.86 -3.94
CA THR A 414 15.99 -42.32 -5.30
C THR A 414 17.44 -42.73 -5.54
N LEU A 415 18.39 -42.04 -4.89
CA LEU A 415 19.82 -42.34 -5.01
C LEU A 415 20.31 -42.19 -6.45
N GLU A 416 19.84 -41.14 -7.13
CA GLU A 416 20.29 -40.87 -8.49
C GLU A 416 21.75 -40.43 -8.49
N ASN A 417 22.04 -39.24 -7.95
CA ASN A 417 23.39 -38.70 -7.90
C ASN A 417 23.86 -38.75 -6.46
N VAL A 418 24.43 -39.90 -6.08
CA VAL A 418 24.93 -40.09 -4.72
C VAL A 418 26.05 -39.08 -4.43
N ILE A 419 26.79 -38.69 -5.46
CA ILE A 419 27.79 -37.64 -5.29
C ILE A 419 27.14 -36.35 -4.84
N GLY A 420 26.04 -35.97 -5.51
CA GLY A 420 25.30 -34.77 -5.11
C GLY A 420 24.63 -34.92 -3.76
N LEU A 421 24.16 -36.12 -3.43
CA LEU A 421 23.64 -36.38 -2.09
C LEU A 421 24.68 -36.10 -1.02
N VAL A 422 25.89 -36.64 -1.20
CA VAL A 422 26.93 -36.47 -0.18
C VAL A 422 27.33 -35.00 -0.05
N ALA A 423 27.49 -34.31 -1.18
CA ALA A 423 28.00 -32.94 -1.15
C ALA A 423 27.01 -31.99 -0.50
N ILE A 424 25.75 -32.02 -0.92
CA ILE A 424 24.75 -31.10 -0.37
C ILE A 424 24.44 -31.47 1.08
N GLY A 425 24.30 -32.75 1.36
CA GLY A 425 23.99 -33.19 2.71
C GLY A 425 25.06 -32.84 3.72
N ALA A 426 26.33 -33.02 3.33
CA ALA A 426 27.44 -32.73 4.25
C ALA A 426 27.46 -31.26 4.63
N LEU A 427 27.37 -30.37 3.63
CA LEU A 427 27.34 -28.94 3.92
C LEU A 427 26.09 -28.57 4.71
N TYR A 428 24.93 -29.01 4.24
CA TYR A 428 23.70 -28.77 4.99
C TYR A 428 23.77 -29.45 6.36
N GLY A 429 24.28 -30.69 6.40
CA GLY A 429 24.38 -31.42 7.65
C GLY A 429 25.29 -30.75 8.66
N ILE A 430 26.46 -30.26 8.21
CA ILE A 430 27.29 -29.47 9.12
C ILE A 430 26.57 -28.19 9.51
N GLY A 431 25.85 -27.59 8.56
CA GLY A 431 25.13 -26.35 8.85
C GLY A 431 24.03 -26.54 9.88
N ILE A 432 23.22 -27.60 9.73
CA ILE A 432 22.15 -27.85 10.68
C ILE A 432 22.71 -28.11 12.07
N PHE A 433 23.81 -28.86 12.15
CA PHE A 433 24.45 -29.09 13.44
C PHE A 433 24.92 -27.78 14.07
N LEU A 434 25.50 -26.88 13.27
CA LEU A 434 25.88 -25.58 13.79
C LEU A 434 24.66 -24.78 14.23
N THR A 435 23.55 -24.92 13.50
CA THR A 435 22.33 -24.19 13.83
C THR A 435 21.69 -24.72 15.12
N TRP A 436 21.89 -26.00 15.44
CA TRP A 436 21.38 -26.50 16.72
C TRP A 436 22.25 -26.05 17.88
N ARG A 437 23.57 -25.99 17.68
CA ARG A 437 24.47 -25.51 18.74
C ARG A 437 24.18 -24.06 19.08
N ARG A 438 23.85 -23.25 18.07
CA ARG A 438 23.43 -21.87 18.31
C ARG A 438 22.27 -21.79 19.30
N ALA A 439 21.25 -22.64 19.13
CA ALA A 439 20.10 -22.61 20.02
C ALA A 439 20.46 -23.07 21.43
N LYS A 440 21.30 -24.10 21.54
CA LYS A 440 21.72 -24.58 22.85
C LYS A 440 22.59 -23.55 23.56
N ARG A 441 23.45 -22.85 22.82
CA ARG A 441 24.29 -21.83 23.43
C ARG A 441 23.46 -20.63 23.89
N PHE A 442 22.48 -20.21 23.09
CA PHE A 442 21.66 -19.06 23.46
C PHE A 442 20.75 -19.38 24.64
N ALA A 443 20.18 -20.59 24.67
CA ALA A 443 19.32 -20.97 25.78
C ALA A 443 20.09 -20.98 27.10
N ALA A 444 21.31 -21.52 27.10
CA ALA A 444 22.13 -21.52 28.31
C ALA A 444 22.62 -20.12 28.67
N GLN A 445 22.68 -19.21 27.71
CA GLN A 445 22.99 -17.82 28.02
C GLN A 445 21.80 -17.05 28.58
N ALA A 446 20.58 -17.56 28.36
CA ALA A 446 19.41 -16.99 29.00
C ALA A 446 19.29 -17.44 30.45
N GLU A 447 19.69 -18.69 30.74
CA GLU A 447 19.66 -19.18 32.11
C GLU A 447 20.61 -18.40 33.02
N SER A 448 21.74 -17.95 32.47
CA SER A 448 22.75 -17.21 33.24
C SER A 448 22.31 -15.77 33.51
N MET B 1 9.47 21.26 -28.08
CA MET B 1 8.09 21.72 -28.18
C MET B 1 7.46 21.83 -26.80
N PHE B 2 6.57 22.81 -26.66
CA PHE B 2 5.87 23.00 -25.38
C PHE B 2 5.09 21.76 -24.99
N THR B 3 4.43 21.11 -25.96
CA THR B 3 3.62 19.94 -25.65
C THR B 3 4.47 18.79 -25.11
N GLU B 4 5.63 18.53 -25.72
CA GLU B 4 6.46 17.42 -25.27
C GLU B 4 7.01 17.67 -23.88
N ILE B 5 7.53 18.89 -23.65
CA ILE B 5 8.07 19.23 -22.33
C ILE B 5 6.98 19.19 -21.27
N MET B 6 5.77 19.64 -21.62
CA MET B 6 4.65 19.59 -20.68
C MET B 6 4.17 18.16 -20.47
N ARG B 7 4.05 17.38 -21.56
CA ARG B 7 3.62 15.98 -21.43
C ARG B 7 4.70 15.10 -20.84
N TYR B 8 5.97 15.48 -20.96
CA TYR B 8 7.04 14.79 -20.25
C TYR B 8 7.05 15.17 -18.77
N VAL B 9 6.72 16.42 -18.45
CA VAL B 9 6.62 16.85 -17.06
C VAL B 9 5.37 16.27 -16.41
N LEU B 10 4.26 16.22 -17.16
CA LEU B 10 3.01 15.65 -16.63
C LEU B 10 3.14 14.16 -16.39
N ASP B 11 3.66 13.41 -17.37
CA ASP B 11 3.82 11.98 -17.23
C ASP B 11 5.06 11.61 -16.40
N LEU B 12 5.87 12.59 -16.01
CA LEU B 12 6.90 12.33 -15.01
C LEU B 12 6.26 11.94 -13.68
N GLY B 13 5.17 12.61 -13.31
CA GLY B 13 4.38 12.22 -12.17
C GLY B 13 4.82 12.87 -10.88
N PRO B 14 3.91 12.94 -9.90
CA PRO B 14 4.30 13.45 -8.57
C PRO B 14 5.36 12.58 -7.91
N THR B 15 5.51 11.33 -8.35
CA THR B 15 6.58 10.47 -7.86
C THR B 15 7.95 11.06 -8.18
N VAL B 16 8.05 11.87 -9.24
CA VAL B 16 9.35 12.39 -9.68
C VAL B 16 9.34 13.91 -9.75
N MET B 17 8.27 14.50 -10.32
CA MET B 17 8.28 15.93 -10.58
C MET B 17 8.27 16.76 -9.30
N LEU B 18 7.36 16.43 -8.38
CA LEU B 18 7.25 17.24 -7.16
C LEU B 18 8.50 17.18 -6.30
N PRO B 19 9.11 16.03 -6.03
CA PRO B 19 10.37 16.04 -5.27
C PRO B 19 11.43 16.94 -5.86
N ILE B 20 11.54 17.00 -7.18
CA ILE B 20 12.54 17.86 -7.82
C ILE B 20 12.30 19.32 -7.46
N VAL B 21 11.05 19.78 -7.61
CA VAL B 21 10.71 21.14 -7.23
C VAL B 21 10.95 21.35 -5.75
N VAL B 22 10.71 20.33 -4.93
CA VAL B 22 11.04 20.39 -3.50
C VAL B 22 12.55 20.44 -3.30
N ILE B 23 13.30 19.62 -4.05
CA ILE B 23 14.75 19.60 -3.88
C ILE B 23 15.37 20.89 -4.39
N LEU B 24 14.89 21.39 -5.54
CA LEU B 24 15.42 22.64 -6.07
C LEU B 24 15.19 23.80 -5.10
N PHE B 25 14.02 23.83 -4.46
CA PHE B 25 13.71 24.90 -3.51
C PHE B 25 14.69 24.93 -2.35
N SER B 26 15.03 23.75 -1.82
CA SER B 26 15.90 23.69 -0.65
C SER B 26 17.37 23.85 -1.00
N LEU B 27 17.77 23.49 -2.23
CA LEU B 27 19.16 23.67 -2.64
C LEU B 27 19.52 25.14 -2.69
N LEU B 28 18.62 25.98 -3.21
CA LEU B 28 18.84 27.43 -3.20
C LEU B 28 18.62 28.05 -1.83
N LEU B 29 17.87 27.36 -0.95
CA LEU B 29 17.59 27.87 0.38
C LEU B 29 18.68 27.48 1.38
N LYS B 30 19.90 27.29 0.89
CA LYS B 30 21.08 27.05 1.71
C LYS B 30 20.86 25.90 2.69
N MET B 31 20.43 24.77 2.15
CA MET B 31 20.31 23.54 2.92
C MET B 31 21.37 22.54 2.44
N LYS B 32 21.86 21.74 3.38
CA LYS B 32 22.83 20.70 3.05
C LYS B 32 22.26 19.83 1.93
N PRO B 33 23.00 19.60 0.85
CA PRO B 33 22.41 18.91 -0.31
C PRO B 33 21.86 17.53 0.01
N GLY B 34 22.46 16.83 0.98
CA GLY B 34 21.89 15.57 1.42
C GLY B 34 20.53 15.73 2.08
N ASP B 35 20.42 16.71 2.99
CA ASP B 35 19.14 16.97 3.64
C ASP B 35 18.07 17.33 2.62
N ALA B 36 18.44 18.06 1.56
CA ALA B 36 17.48 18.42 0.52
C ALA B 36 16.96 17.19 -0.20
N PHE B 37 17.83 16.22 -0.45
CA PHE B 37 17.40 14.99 -1.13
C PHE B 37 16.46 14.17 -0.25
N LYS B 38 16.69 14.17 1.06
CA LYS B 38 15.94 13.29 1.96
C LYS B 38 14.45 13.62 1.95
N SER B 39 14.11 14.91 1.95
CA SER B 39 12.71 15.31 1.89
C SER B 39 12.09 14.95 0.54
N GLY B 40 12.84 15.11 -0.54
CA GLY B 40 12.29 14.83 -1.86
C GLY B 40 11.81 13.40 -1.98
N ILE B 41 12.59 12.44 -1.48
CA ILE B 41 12.17 11.04 -1.55
C ILE B 41 10.95 10.81 -0.66
N HIS B 42 10.92 11.41 0.53
CA HIS B 42 9.78 11.19 1.42
C HIS B 42 8.50 11.79 0.87
N ILE B 43 8.57 12.93 0.19
CA ILE B 43 7.38 13.46 -0.46
C ILE B 43 6.94 12.54 -1.58
N GLY B 44 7.89 12.04 -2.38
CA GLY B 44 7.56 11.09 -3.42
C GLY B 44 7.06 9.76 -2.87
N ILE B 45 7.69 9.28 -1.79
CA ILE B 45 7.29 8.01 -1.19
C ILE B 45 5.86 8.08 -0.70
N GLY B 46 5.49 9.18 -0.04
CA GLY B 46 4.12 9.34 0.40
C GLY B 46 3.13 9.28 -0.74
N PHE B 47 3.48 9.90 -1.87
CA PHE B 47 2.61 9.87 -3.03
C PHE B 47 2.52 8.47 -3.63
N VAL B 48 3.60 7.69 -3.55
CA VAL B 48 3.54 6.29 -3.97
C VAL B 48 2.56 5.52 -3.10
N GLY B 49 2.69 5.67 -1.78
CA GLY B 49 1.74 5.04 -0.87
C GLY B 49 0.34 5.60 -1.00
N ILE B 50 0.24 6.90 -1.27
CA ILE B 50 -1.08 7.52 -1.48
C ILE B 50 -1.78 6.86 -2.66
N GLY B 51 -1.05 6.64 -3.76
CA GLY B 51 -1.60 5.91 -4.87
C GLY B 51 -1.95 4.48 -4.56
N LEU B 52 -1.37 3.92 -3.49
CA LEU B 52 -1.64 2.53 -3.12
C LEU B 52 -2.92 2.43 -2.29
N VAL B 53 -3.05 3.24 -1.24
CA VAL B 53 -4.26 3.18 -0.43
C VAL B 53 -5.47 3.58 -1.25
N ILE B 54 -5.33 4.63 -2.06
CA ILE B 54 -6.39 5.01 -2.98
C ILE B 54 -6.65 3.87 -3.96
N GLY B 55 -5.61 3.13 -4.34
CA GLY B 55 -5.82 1.95 -5.15
C GLY B 55 -6.62 0.87 -4.44
N LEU B 56 -6.45 0.74 -3.12
CA LEU B 56 -7.26 -0.22 -2.37
C LEU B 56 -8.72 0.23 -2.28
N MET B 57 -8.95 1.53 -2.09
CA MET B 57 -10.32 2.03 -1.91
C MET B 57 -11.16 1.80 -3.16
N LEU B 58 -10.59 2.10 -4.33
CA LEU B 58 -11.34 1.98 -5.57
C LEU B 58 -11.44 0.55 -6.08
N ASP B 59 -10.67 -0.39 -5.52
CA ASP B 59 -10.65 -1.77 -5.99
C ASP B 59 -11.26 -2.75 -5.00
N SER B 60 -11.74 -2.29 -3.85
CA SER B 60 -12.53 -3.15 -2.97
C SER B 60 -13.72 -2.43 -2.34
N ILE B 61 -13.61 -1.14 -2.01
CA ILE B 61 -14.79 -0.37 -1.64
C ILE B 61 -15.60 -0.02 -2.89
N GLY B 62 -14.93 0.30 -4.00
CA GLY B 62 -15.59 0.72 -5.20
C GLY B 62 -16.56 -0.29 -5.77
N PRO B 63 -16.08 -1.50 -6.06
CA PRO B 63 -16.98 -2.52 -6.63
C PRO B 63 -18.15 -2.90 -5.73
N ALA B 64 -18.03 -2.68 -4.41
CA ALA B 64 -19.16 -2.94 -3.52
C ALA B 64 -20.15 -1.78 -3.53
N ALA B 65 -19.66 -0.54 -3.56
CA ALA B 65 -20.54 0.62 -3.69
C ALA B 65 -21.25 0.59 -5.04
N LYS B 66 -20.52 0.30 -6.11
CA LYS B 66 -21.13 0.16 -7.42
C LYS B 66 -22.19 -0.93 -7.40
N ALA B 67 -22.02 -1.93 -6.54
CA ALA B 67 -23.00 -3.00 -6.45
C ALA B 67 -24.25 -2.55 -5.71
N MET B 68 -24.11 -1.66 -4.73
CA MET B 68 -25.29 -1.16 -4.02
C MET B 68 -26.20 -0.36 -4.93
N ALA B 69 -25.63 0.57 -5.70
CA ALA B 69 -26.43 1.44 -6.56
C ALA B 69 -27.19 0.64 -7.63
N GLU B 70 -26.71 -0.54 -7.99
CA GLU B 70 -27.43 -1.40 -8.91
C GLU B 70 -28.46 -2.25 -8.17
N ALA B 71 -28.10 -2.76 -6.98
CA ALA B 71 -29.02 -3.58 -6.21
C ALA B 71 -30.27 -2.81 -5.80
N PHE B 72 -30.11 -1.51 -5.57
CA PHE B 72 -31.24 -0.62 -5.30
C PHE B 72 -31.82 -0.21 -6.66
N ASP B 73 -32.86 -0.92 -7.11
CA ASP B 73 -33.40 -0.67 -8.44
C ASP B 73 -34.21 0.62 -8.41
N ILE B 74 -33.74 1.65 -9.12
CA ILE B 74 -34.41 2.94 -9.15
C ILE B 74 -34.78 3.19 -10.61
N ASN B 75 -34.89 4.46 -11.01
CA ASN B 75 -35.08 4.82 -12.40
C ASN B 75 -33.91 5.59 -12.98
N LEU B 76 -33.00 6.10 -12.14
CA LEU B 76 -31.82 6.84 -12.56
C LEU B 76 -31.08 6.12 -13.68
N LYS B 77 -31.17 6.63 -14.92
CA LYS B 77 -30.63 5.94 -16.08
C LYS B 77 -29.24 6.40 -16.47
N VAL B 78 -28.77 7.54 -15.96
CA VAL B 78 -27.45 8.07 -16.29
C VAL B 78 -26.49 7.71 -15.16
N VAL B 79 -25.32 7.18 -15.52
CA VAL B 79 -24.41 6.55 -14.57
C VAL B 79 -23.22 7.47 -14.35
N ASP B 80 -22.86 7.68 -13.09
CA ASP B 80 -21.79 8.59 -12.68
C ASP B 80 -20.43 7.99 -13.05
N ILE B 81 -19.81 8.49 -14.11
CA ILE B 81 -18.54 7.95 -14.54
C ILE B 81 -17.40 8.30 -13.58
N GLY B 82 -17.60 9.30 -12.73
CA GLY B 82 -16.65 9.67 -11.70
C GLY B 82 -15.46 10.43 -12.26
N TRP B 83 -14.68 11.01 -11.33
CA TRP B 83 -13.43 11.66 -11.73
C TRP B 83 -12.46 10.71 -12.44
N PRO B 84 -12.44 9.39 -12.21
CA PRO B 84 -11.61 8.54 -13.08
C PRO B 84 -12.07 8.53 -14.52
N GLY B 85 -13.31 8.96 -14.79
CA GLY B 85 -13.79 9.08 -16.15
C GLY B 85 -13.75 10.51 -16.65
N SER B 86 -13.92 11.47 -15.75
CA SER B 86 -13.97 12.88 -16.14
C SER B 86 -12.60 13.37 -16.59
N SER B 87 -11.56 13.10 -15.80
CA SER B 87 -10.22 13.61 -16.13
C SER B 87 -9.69 13.08 -17.47
N PRO B 88 -9.82 11.79 -17.82
CA PRO B 88 -9.37 11.37 -19.16
C PRO B 88 -10.05 12.13 -20.28
N MET B 89 -11.36 12.39 -20.15
CA MET B 89 -12.05 13.19 -21.15
C MET B 89 -11.52 14.61 -21.16
N THR B 90 -11.35 15.19 -19.97
CA THR B 90 -10.92 16.58 -19.86
C THR B 90 -9.53 16.78 -20.44
N TRP B 91 -8.61 15.86 -20.14
CA TRP B 91 -7.25 15.93 -20.66
C TRP B 91 -7.25 15.71 -22.17
N ALA B 92 -8.43 15.47 -22.73
CA ALA B 92 -8.58 15.31 -24.17
C ALA B 92 -9.24 16.53 -24.83
N SER B 93 -9.36 17.65 -24.11
CA SER B 93 -9.77 18.90 -24.72
C SER B 93 -8.54 19.65 -25.22
N GLN B 94 -8.75 20.51 -26.23
CA GLN B 94 -7.61 21.21 -26.82
C GLN B 94 -6.93 22.16 -25.84
N ILE B 95 -7.60 22.50 -24.73
CA ILE B 95 -7.09 23.47 -23.77
C ILE B 95 -6.39 22.77 -22.62
N ALA B 96 -6.18 21.45 -22.74
CA ALA B 96 -5.70 20.66 -21.62
C ALA B 96 -4.29 21.07 -21.20
N LEU B 97 -3.35 21.09 -22.15
CA LEU B 97 -1.99 21.47 -21.79
C LEU B 97 -1.85 22.98 -21.62
N ILE B 98 -2.52 23.76 -22.47
CA ILE B 98 -2.38 25.22 -22.42
C ILE B 98 -2.89 25.78 -21.10
N ALA B 99 -3.73 25.04 -20.39
CA ALA B 99 -4.26 25.52 -19.12
C ALA B 99 -3.17 25.58 -18.05
N ILE B 100 -2.27 24.58 -18.05
CA ILE B 100 -1.25 24.52 -16.98
C ILE B 100 -0.35 25.75 -16.94
N PRO B 101 0.23 26.23 -18.06
CA PRO B 101 0.92 27.52 -18.00
C PRO B 101 0.01 28.67 -17.60
N ILE B 102 -1.25 28.65 -18.04
CA ILE B 102 -2.16 29.73 -17.71
C ILE B 102 -2.40 29.78 -16.20
N ALA B 103 -2.63 28.61 -15.59
CA ALA B 103 -2.98 28.58 -14.18
C ALA B 103 -1.82 29.01 -13.28
N ILE B 104 -0.58 28.70 -13.68
CA ILE B 104 0.57 29.20 -12.94
C ILE B 104 0.69 30.72 -13.10
N VAL B 105 0.45 31.22 -14.32
CA VAL B 105 0.52 32.66 -14.56
C VAL B 105 -0.49 33.39 -13.69
N VAL B 106 -1.71 32.87 -13.59
CA VAL B 106 -2.69 33.43 -12.67
C VAL B 106 -2.17 33.37 -11.24
N ASN B 107 -1.50 32.27 -10.87
CA ASN B 107 -0.86 32.20 -9.57
C ASN B 107 0.26 33.22 -9.44
N LEU B 108 1.16 33.27 -10.43
CA LEU B 108 2.32 34.16 -10.34
C LEU B 108 1.89 35.61 -10.30
N VAL B 109 0.88 35.99 -11.10
CA VAL B 109 0.37 37.35 -11.03
C VAL B 109 -0.22 37.63 -9.65
N MET B 110 -1.06 36.71 -9.16
CA MET B 110 -1.68 36.91 -7.86
C MET B 110 -0.66 36.90 -6.73
N LEU B 111 0.41 36.11 -6.86
CA LEU B 111 1.44 36.10 -5.83
C LEU B 111 2.18 37.42 -5.76
N MET B 112 2.52 38.03 -6.90
CA MET B 112 3.20 39.32 -6.87
C MET B 112 2.29 40.41 -6.33
N THR B 113 1.00 40.37 -6.67
CA THR B 113 0.05 41.37 -6.22
C THR B 113 -0.54 41.03 -4.84
N ARG B 114 0.07 40.10 -4.10
CA ARG B 114 -0.34 39.75 -2.74
C ARG B 114 -1.83 39.44 -2.67
N MET B 115 -2.34 38.76 -3.69
CA MET B 115 -3.72 38.32 -3.71
C MET B 115 -3.90 36.88 -3.26
N THR B 116 -2.81 36.15 -3.08
CA THR B 116 -2.87 34.76 -2.62
C THR B 116 -1.61 34.43 -1.84
N ARG B 117 -1.77 33.57 -0.84
CA ARG B 117 -0.65 33.01 -0.12
C ARG B 117 -0.23 31.67 -0.72
N VAL B 118 -1.12 31.04 -1.49
CA VAL B 118 -0.89 29.69 -1.98
C VAL B 118 0.06 29.76 -3.17
N VAL B 119 1.17 29.03 -3.08
CA VAL B 119 2.05 28.82 -4.22
C VAL B 119 1.83 27.39 -4.71
N ASN B 120 0.78 27.19 -5.49
CA ASN B 120 0.41 25.86 -5.95
C ASN B 120 1.55 25.22 -6.74
N VAL B 121 1.83 23.95 -6.43
CA VAL B 121 2.81 23.16 -7.16
C VAL B 121 2.21 21.91 -7.76
N ASP B 122 0.93 21.63 -7.49
CA ASP B 122 0.29 20.41 -7.98
C ASP B 122 -0.29 20.70 -9.37
N ILE B 123 0.52 20.46 -10.41
CA ILE B 123 0.10 20.69 -11.79
C ILE B 123 -0.77 19.58 -12.35
N TRP B 124 -1.14 18.58 -11.56
CA TRP B 124 -1.95 17.47 -12.04
C TRP B 124 -3.43 17.64 -11.76
N ASN B 125 -3.78 18.51 -10.81
CA ASN B 125 -5.17 18.78 -10.48
C ASN B 125 -5.78 19.89 -11.31
N ILE B 126 -5.00 20.47 -12.24
CA ILE B 126 -5.51 21.51 -13.12
C ILE B 126 -6.59 21.01 -14.06
N TRP B 127 -6.76 19.69 -14.18
CA TRP B 127 -7.85 19.15 -14.99
C TRP B 127 -9.21 19.61 -14.48
N HIS B 128 -9.32 19.95 -13.19
CA HIS B 128 -10.55 20.57 -12.69
C HIS B 128 -10.79 21.91 -13.36
N MET B 129 -9.72 22.69 -13.58
CA MET B 129 -9.87 23.97 -14.25
C MET B 129 -10.16 23.79 -15.74
N THR B 130 -9.51 22.82 -16.39
CA THR B 130 -9.80 22.53 -17.79
C THR B 130 -11.24 22.06 -17.97
N PHE B 131 -11.80 21.39 -16.97
CA PHE B 131 -13.20 21.00 -17.03
C PHE B 131 -14.12 22.21 -17.11
N THR B 132 -13.85 23.23 -16.31
CA THR B 132 -14.63 24.46 -16.42
C THR B 132 -14.44 25.10 -17.78
N GLY B 133 -13.21 25.09 -18.29
CA GLY B 133 -12.97 25.58 -19.65
C GLY B 133 -13.65 24.73 -20.70
N ALA B 134 -13.54 23.40 -20.59
CA ALA B 134 -14.07 22.53 -21.62
C ALA B 134 -15.58 22.66 -21.75
N LEU B 135 -16.29 22.70 -20.63
CA LEU B 135 -17.74 22.83 -20.68
C LEU B 135 -18.16 24.21 -21.13
N VAL B 136 -17.39 25.24 -20.79
CA VAL B 136 -17.67 26.58 -21.30
C VAL B 136 -17.37 26.64 -22.79
N HIS B 137 -16.28 26.00 -23.21
CA HIS B 137 -15.94 25.92 -24.63
C HIS B 137 -17.05 25.25 -25.44
N ILE B 138 -17.72 24.26 -24.84
CA ILE B 138 -18.80 23.55 -25.52
C ILE B 138 -20.04 24.43 -25.65
N ALA B 139 -20.42 25.10 -24.57
CA ALA B 139 -21.72 25.78 -24.54
C ALA B 139 -21.65 27.14 -25.22
N THR B 140 -20.58 27.91 -24.98
CA THR B 140 -20.48 29.25 -25.56
C THR B 140 -19.91 29.23 -26.97
N GLY B 141 -18.76 28.58 -27.16
CA GLY B 141 -18.14 28.48 -28.47
C GLY B 141 -16.94 29.38 -28.67
N SER B 142 -16.54 30.15 -27.67
CA SER B 142 -15.40 31.05 -27.77
C SER B 142 -14.20 30.43 -27.05
N TYR B 143 -13.13 30.18 -27.80
CA TYR B 143 -11.87 29.72 -27.24
C TYR B 143 -11.44 30.61 -26.08
N ALA B 144 -11.66 31.93 -26.23
CA ALA B 144 -11.36 32.84 -25.14
C ALA B 144 -12.23 32.55 -23.93
N LEU B 145 -13.52 32.29 -24.14
CA LEU B 145 -14.44 32.09 -23.02
C LEU B 145 -14.05 30.87 -22.21
N ALA B 146 -13.63 29.80 -22.88
CA ALA B 146 -13.07 28.65 -22.17
C ALA B 146 -11.82 29.03 -21.40
N ILE B 147 -10.94 29.84 -22.01
CA ILE B 147 -9.70 30.25 -21.36
C ILE B 147 -10.00 31.08 -20.12
N VAL B 148 -10.92 32.04 -20.23
CA VAL B 148 -11.27 32.85 -19.08
C VAL B 148 -11.84 31.98 -17.96
N GLY B 149 -12.60 30.95 -18.33
CA GLY B 149 -13.06 29.98 -17.34
C GLY B 149 -11.91 29.30 -16.62
N VAL B 150 -10.79 29.09 -17.32
CA VAL B 150 -9.60 28.55 -16.67
C VAL B 150 -9.07 29.54 -15.63
N VAL B 151 -8.99 30.82 -16.00
CA VAL B 151 -8.46 31.83 -15.09
C VAL B 151 -9.38 31.99 -13.87
N VAL B 152 -10.70 32.06 -14.09
CA VAL B 152 -11.64 32.18 -12.98
C VAL B 152 -11.55 30.96 -12.07
N HIS B 153 -11.52 29.76 -12.66
CA HIS B 153 -11.37 28.55 -11.85
C HIS B 153 -10.04 28.52 -11.14
N ALA B 154 -8.99 29.09 -11.75
CA ALA B 154 -7.69 29.11 -11.10
C ALA B 154 -7.67 30.10 -9.94
N ALA B 155 -8.12 31.34 -10.18
CA ALA B 155 -8.03 32.36 -9.13
C ALA B 155 -8.91 32.01 -7.93
N PHE B 156 -10.06 31.36 -8.17
CA PHE B 156 -10.95 31.01 -7.07
C PHE B 156 -10.32 29.97 -6.15
N VAL B 157 -9.93 28.83 -6.71
CA VAL B 157 -9.37 27.75 -5.88
C VAL B 157 -8.11 28.20 -5.18
N TYR B 158 -7.37 29.16 -5.76
CA TYR B 158 -6.20 29.69 -5.08
C TYR B 158 -6.57 30.38 -3.78
N LYS B 159 -7.65 31.17 -3.78
CA LYS B 159 -8.12 31.74 -2.52
C LYS B 159 -8.83 30.71 -1.66
N LEU B 160 -9.42 29.70 -2.28
CA LEU B 160 -9.98 28.60 -1.48
C LEU B 160 -8.90 27.93 -0.64
N GLY B 161 -7.66 27.91 -1.14
CA GLY B 161 -6.54 27.50 -0.32
C GLY B 161 -6.28 28.46 0.83
N ASP B 162 -6.37 29.76 0.55
CA ASP B 162 -6.13 30.75 1.60
C ASP B 162 -7.20 30.67 2.69
N TRP B 163 -8.46 30.55 2.28
CA TRP B 163 -9.58 30.67 3.22
C TRP B 163 -9.77 29.43 4.08
N PHE B 164 -9.18 28.30 3.69
CA PHE B 164 -9.27 27.07 4.46
C PHE B 164 -7.92 26.68 5.07
N ALA B 165 -7.05 27.67 5.31
CA ALA B 165 -5.68 27.39 5.72
C ALA B 165 -5.60 26.99 7.19
N LYS B 166 -6.35 27.65 8.06
CA LYS B 166 -6.37 27.24 9.46
C LYS B 166 -7.06 25.88 9.60
N ASP B 167 -8.06 25.62 8.76
CA ASP B 167 -8.73 24.32 8.79
C ASP B 167 -7.77 23.20 8.36
N THR B 168 -6.95 23.45 7.34
CA THR B 168 -5.98 22.44 6.94
C THR B 168 -4.87 22.30 7.98
N ARG B 169 -4.38 23.42 8.50
CA ARG B 169 -3.25 23.38 9.44
C ARG B 169 -3.67 22.91 10.82
N ASP B 170 -4.80 23.38 11.35
CA ASP B 170 -5.19 23.05 12.71
C ASP B 170 -5.99 21.76 12.82
N PHE B 171 -6.80 21.42 11.80
CA PHE B 171 -7.63 20.23 11.90
C PHE B 171 -6.93 19.02 11.30
N PHE B 172 -6.49 19.14 10.04
CA PHE B 172 -5.85 18.03 9.35
C PHE B 172 -4.37 17.89 9.67
N GLY B 173 -3.82 18.81 10.47
CA GLY B 173 -2.42 18.75 10.84
C GLY B 173 -1.45 18.92 9.70
N LEU B 174 -1.70 19.90 8.83
CA LEU B 174 -0.89 20.16 7.64
C LEU B 174 -0.41 21.61 7.70
N ASP B 175 0.72 21.84 8.37
CA ASP B 175 1.26 23.18 8.52
C ASP B 175 2.02 23.60 7.27
N GLY B 176 1.70 24.79 6.76
CA GLY B 176 2.27 25.29 5.53
C GLY B 176 1.59 24.82 4.26
N ILE B 177 0.58 23.97 4.36
CA ILE B 177 -0.11 23.41 3.20
C ILE B 177 -1.49 24.02 3.08
N ALA B 178 -1.94 24.21 1.84
CA ALA B 178 -3.30 24.58 1.53
C ALA B 178 -3.84 23.59 0.52
N ILE B 179 -5.11 23.25 0.67
CA ILE B 179 -5.75 22.27 -0.21
C ILE B 179 -6.70 23.00 -1.16
N PRO B 180 -6.22 23.46 -2.32
CA PRO B 180 -7.05 24.32 -3.17
C PRO B 180 -7.94 23.53 -4.12
N HIS B 181 -7.44 22.39 -4.59
CA HIS B 181 -8.05 21.70 -5.71
C HIS B 181 -9.09 20.70 -5.25
N GLY B 182 -9.84 20.19 -6.22
CA GLY B 182 -10.70 19.06 -5.97
C GLY B 182 -12.00 19.43 -5.28
N THR B 183 -12.78 18.38 -5.02
CA THR B 183 -14.14 18.56 -4.53
C THR B 183 -14.18 19.08 -3.12
N SER B 184 -13.20 18.72 -2.29
CA SER B 184 -13.21 19.12 -0.88
C SER B 184 -13.25 20.64 -0.75
N ALA B 185 -12.42 21.34 -1.53
CA ALA B 185 -12.34 22.79 -1.40
C ALA B 185 -13.57 23.47 -1.98
N TYR B 186 -13.88 23.22 -3.26
CA TYR B 186 -14.96 23.97 -3.91
C TYR B 186 -16.35 23.61 -3.37
N LEU B 187 -16.49 22.53 -2.61
CA LEU B 187 -17.69 22.29 -1.83
C LEU B 187 -17.51 22.61 -0.35
N GLY B 188 -16.36 23.17 0.02
CA GLY B 188 -16.13 23.67 1.35
C GLY B 188 -17.04 24.82 1.73
N PRO B 189 -17.19 25.81 0.84
CA PRO B 189 -18.08 26.94 1.14
C PRO B 189 -19.49 26.54 1.53
N ILE B 190 -20.05 25.51 0.88
CA ILE B 190 -21.43 25.11 1.17
C ILE B 190 -21.56 24.72 2.64
N ALA B 191 -20.56 23.99 3.16
CA ALA B 191 -20.57 23.61 4.57
C ALA B 191 -20.25 24.77 5.50
N VAL B 192 -19.54 25.79 5.02
CA VAL B 192 -19.31 26.98 5.85
C VAL B 192 -20.62 27.74 6.05
N LEU B 193 -21.54 27.66 5.08
CA LEU B 193 -22.85 28.27 5.20
C LEU B 193 -23.78 27.46 6.11
N VAL B 194 -23.70 26.13 6.05
CA VAL B 194 -24.53 25.29 6.91
C VAL B 194 -24.16 25.49 8.36
N ASP B 195 -22.87 25.48 8.68
CA ASP B 195 -22.42 25.68 10.05
C ASP B 195 -22.63 27.12 10.51
N THR B 196 -22.74 28.07 9.57
CA THR B 196 -23.09 29.44 9.93
C THR B 196 -24.58 29.52 10.32
N VAL B 197 -25.45 28.85 9.55
CA VAL B 197 -26.87 28.83 9.89
C VAL B 197 -27.10 28.11 11.21
N ILE B 198 -26.47 26.94 11.39
CA ILE B 198 -26.76 26.10 12.54
C ILE B 198 -26.36 26.80 13.84
N GLU B 199 -25.22 27.48 13.84
CA GLU B 199 -24.74 28.13 15.06
C GLU B 199 -25.73 29.15 15.60
N LYS B 200 -26.48 29.82 14.72
CA LYS B 200 -27.42 30.86 15.13
C LYS B 200 -28.79 30.30 15.53
N ILE B 201 -29.02 29.01 15.41
CA ILE B 201 -30.30 28.38 15.76
C ILE B 201 -30.15 27.76 17.15
N PRO B 202 -30.96 28.17 18.13
CA PRO B 202 -30.85 27.58 19.48
C PRO B 202 -31.24 26.12 19.53
N GLY B 203 -30.64 25.39 20.46
CA GLY B 203 -30.91 23.98 20.61
C GLY B 203 -30.22 23.16 19.55
N LEU B 204 -30.46 23.51 18.28
CA LEU B 204 -29.75 22.87 17.18
C LEU B 204 -28.25 23.06 17.30
N ASN B 205 -27.82 24.28 17.65
CA ASN B 205 -26.42 24.62 17.84
C ASN B 205 -25.79 23.94 19.03
N ARG B 206 -26.57 23.21 19.84
CA ARG B 206 -26.06 22.50 21.00
C ARG B 206 -26.11 20.99 20.83
N ILE B 207 -26.46 20.50 19.64
CA ILE B 207 -26.38 19.08 19.32
C ILE B 207 -24.96 18.76 18.87
N HIS B 208 -24.33 17.80 19.54
CA HIS B 208 -22.98 17.37 19.22
C HIS B 208 -22.94 15.86 19.15
N PHE B 209 -22.02 15.34 18.33
CA PHE B 209 -21.78 13.91 18.23
C PHE B 209 -20.46 13.69 17.49
N SER B 210 -19.35 13.78 18.22
CA SER B 210 -18.04 13.56 17.64
C SER B 210 -17.62 12.11 17.82
N ALA B 211 -16.77 11.63 16.92
CA ALA B 211 -16.32 10.25 16.96
C ALA B 211 -15.56 9.92 18.25
N ASP B 212 -14.99 10.93 18.92
CA ASP B 212 -14.43 10.71 20.24
C ASP B 212 -15.52 10.32 21.23
N ASP B 213 -16.74 10.80 21.04
CA ASP B 213 -17.84 10.47 21.93
C ASP B 213 -18.33 9.05 21.72
N VAL B 214 -18.07 8.46 20.55
CA VAL B 214 -18.32 7.02 20.38
C VAL B 214 -17.31 6.22 21.18
N GLN B 215 -16.05 6.67 21.20
CA GLN B 215 -15.01 5.98 21.96
C GLN B 215 -15.17 6.20 23.46
N LYS B 216 -15.81 7.30 23.87
CA LYS B 216 -16.03 7.58 25.28
C LYS B 216 -17.23 6.83 25.86
N ARG B 217 -17.98 6.09 25.03
CA ARG B 217 -19.09 5.28 25.52
C ARG B 217 -19.02 3.81 25.09
N PHE B 218 -18.01 3.41 24.32
CA PHE B 218 -17.95 2.03 23.83
C PHE B 218 -16.54 1.45 23.99
N GLY B 219 -15.54 2.30 23.95
CA GLY B 219 -14.16 1.88 24.20
C GLY B 219 -13.50 1.36 22.94
N ALA B 220 -13.07 0.09 22.98
CA ALA B 220 -12.46 -0.52 21.81
C ALA B 220 -13.44 -0.59 20.64
N PHE B 221 -14.73 -0.73 20.93
CA PHE B 221 -15.75 -0.87 19.91
C PHE B 221 -16.17 0.47 19.31
N GLY B 222 -15.67 1.59 19.85
CA GLY B 222 -15.92 2.90 19.30
C GLY B 222 -14.69 3.51 18.65
N GLU B 223 -13.61 2.75 18.62
CA GLU B 223 -12.38 3.20 17.98
C GLU B 223 -12.58 3.36 16.47
N PRO B 224 -11.83 4.25 15.83
CA PRO B 224 -11.94 4.37 14.36
C PRO B 224 -11.72 3.05 13.64
N VAL B 225 -10.80 2.21 14.11
CA VAL B 225 -10.53 0.93 13.45
C VAL B 225 -11.77 0.05 13.48
N THR B 226 -12.45 0.00 14.62
CA THR B 226 -13.66 -0.82 14.75
C THR B 226 -14.75 -0.36 13.80
N ILE B 227 -14.97 0.96 13.71
CA ILE B 227 -16.03 1.48 12.86
C ILE B 227 -15.78 1.10 11.41
N GLY B 228 -14.53 1.20 10.96
CA GLY B 228 -14.20 0.81 9.59
C GLY B 228 -14.54 -0.63 9.30
N PHE B 229 -14.55 -1.48 10.33
CA PHE B 229 -14.98 -2.87 10.14
C PHE B 229 -16.48 -2.95 9.96
N VAL B 230 -17.25 -2.32 10.85
CA VAL B 230 -18.70 -2.50 10.84
C VAL B 230 -19.30 -1.88 9.58
N MET B 231 -18.87 -0.66 9.23
CA MET B 231 -19.41 0.00 8.04
C MET B 231 -19.04 -0.78 6.78
N GLY B 232 -17.81 -1.30 6.72
CA GLY B 232 -17.45 -2.17 5.62
C GLY B 232 -18.32 -3.40 5.54
N LEU B 233 -18.67 -3.97 6.69
CA LEU B 233 -19.59 -5.11 6.72
C LEU B 233 -20.90 -4.76 6.03
N VAL B 234 -21.48 -3.62 6.39
CA VAL B 234 -22.78 -3.25 5.85
C VAL B 234 -22.68 -2.90 4.38
N ILE B 235 -21.59 -2.26 3.96
CA ILE B 235 -21.41 -1.95 2.55
C ILE B 235 -21.35 -3.24 1.73
N GLY B 236 -20.74 -4.27 2.29
CA GLY B 236 -20.80 -5.57 1.64
C GLY B 236 -22.19 -6.18 1.68
N LEU B 237 -22.84 -6.14 2.85
CA LEU B 237 -24.15 -6.76 3.00
C LEU B 237 -25.21 -6.08 2.15
N LEU B 238 -25.20 -4.75 2.09
CA LEU B 238 -26.13 -4.03 1.23
C LEU B 238 -25.83 -4.27 -0.25
N ALA B 239 -24.66 -4.84 -0.56
CA ALA B 239 -24.30 -5.23 -1.91
C ALA B 239 -24.50 -6.73 -2.16
N GLY B 240 -25.13 -7.43 -1.23
CA GLY B 240 -25.48 -8.82 -1.44
C GLY B 240 -24.34 -9.81 -1.35
N TYR B 241 -23.18 -9.38 -0.86
CA TYR B 241 -22.01 -10.24 -0.81
C TYR B 241 -22.26 -11.45 0.09
N GLU B 242 -21.57 -12.55 -0.21
CA GLU B 242 -21.58 -13.66 0.71
C GLU B 242 -20.83 -13.29 2.00
N ILE B 243 -20.95 -14.16 3.00
CA ILE B 243 -20.32 -13.87 4.28
C ILE B 243 -18.80 -13.87 4.19
N LYS B 244 -18.23 -14.54 3.18
CA LYS B 244 -16.79 -14.50 3.00
C LYS B 244 -16.32 -13.13 2.51
N ALA B 245 -17.01 -12.58 1.51
CA ALA B 245 -16.59 -11.29 0.95
C ALA B 245 -16.89 -10.14 1.90
N VAL B 246 -18.06 -10.16 2.55
CA VAL B 246 -18.40 -9.12 3.51
C VAL B 246 -17.33 -9.02 4.58
N LEU B 247 -16.88 -10.17 5.08
CA LEU B 247 -15.85 -10.18 6.10
C LEU B 247 -14.52 -9.68 5.56
N GLN B 248 -14.16 -10.12 4.35
CA GLN B 248 -12.89 -9.72 3.76
C GLN B 248 -12.86 -8.24 3.44
N LEU B 249 -13.98 -7.70 2.95
CA LEU B 249 -14.07 -6.28 2.67
C LEU B 249 -13.99 -5.45 3.94
N ALA B 250 -14.59 -5.92 5.03
CA ALA B 250 -14.66 -5.12 6.25
C ALA B 250 -13.28 -4.86 6.84
N VAL B 251 -12.33 -5.78 6.66
CA VAL B 251 -10.97 -5.50 7.11
C VAL B 251 -10.31 -4.48 6.19
N LYS B 252 -10.54 -4.60 4.88
CA LYS B 252 -9.93 -3.66 3.94
C LYS B 252 -10.44 -2.25 4.18
N THR B 253 -11.73 -2.10 4.49
CA THR B 253 -12.26 -0.77 4.84
C THR B 253 -11.70 -0.29 6.16
N ALA B 254 -11.50 -1.19 7.14
CA ALA B 254 -10.80 -0.82 8.35
C ALA B 254 -9.34 -0.48 8.06
N ALA B 255 -8.69 -1.25 7.17
CA ALA B 255 -7.30 -1.01 6.86
C ALA B 255 -7.06 0.38 6.29
N VAL B 256 -8.08 0.96 5.64
CA VAL B 256 -7.99 2.35 5.22
C VAL B 256 -7.84 3.26 6.43
N MET B 257 -8.59 2.98 7.50
CA MET B 257 -8.64 3.85 8.65
C MET B 257 -7.37 3.82 9.49
N LEU B 258 -6.42 2.96 9.17
CA LEU B 258 -5.13 2.93 9.84
C LEU B 258 -3.97 3.21 8.90
N LEU B 259 -4.02 2.70 7.66
CA LEU B 259 -2.90 2.82 6.73
C LEU B 259 -2.85 4.21 6.08
N MET B 260 -4.02 4.76 5.74
CA MET B 260 -4.06 6.04 5.04
C MET B 260 -3.39 7.17 5.80
N PRO B 261 -3.61 7.36 7.11
CA PRO B 261 -2.85 8.39 7.82
C PRO B 261 -1.36 8.15 7.79
N ARG B 262 -0.94 6.88 7.76
CA ARG B 262 0.48 6.55 7.81
C ARG B 262 1.18 6.85 6.49
N VAL B 263 0.47 6.77 5.37
CA VAL B 263 1.11 7.02 4.07
C VAL B 263 1.23 8.51 3.79
N ILE B 264 0.39 9.34 4.42
CA ILE B 264 0.52 10.78 4.24
C ILE B 264 1.56 11.37 5.19
N LYS B 265 1.90 10.65 6.25
CA LYS B 265 2.94 11.11 7.18
C LYS B 265 4.29 11.33 6.49
N PRO B 266 4.70 10.56 5.48
CA PRO B 266 5.96 10.88 4.78
C PRO B 266 6.05 12.31 4.26
N ILE B 267 4.97 12.87 3.71
CA ILE B 267 5.04 14.22 3.13
C ILE B 267 5.25 15.26 4.22
N MET B 268 4.47 15.18 5.31
CA MET B 268 4.65 16.09 6.43
C MET B 268 6.03 15.91 7.05
N ASP B 269 6.52 14.67 7.13
CA ASP B 269 7.83 14.40 7.72
C ASP B 269 8.97 14.97 6.90
N GLY B 270 8.74 15.25 5.62
CA GLY B 270 9.77 15.82 4.77
C GLY B 270 9.65 17.32 4.58
N LEU B 271 8.40 17.82 4.59
CA LEU B 271 8.15 19.23 4.40
C LEU B 271 8.51 20.09 5.61
N THR B 272 8.61 19.47 6.80
CA THR B 272 8.78 20.25 8.02
C THR B 272 10.11 21.02 8.06
N PRO B 273 11.27 20.39 7.81
CA PRO B 273 12.52 21.18 7.93
C PRO B 273 12.63 22.28 6.88
N ILE B 274 12.13 22.03 5.67
CA ILE B 274 12.19 23.02 4.60
C ILE B 274 11.41 24.26 5.01
N ALA B 275 10.23 24.08 5.59
CA ALA B 275 9.41 25.21 6.01
C ALA B 275 10.10 26.02 7.10
N LYS B 276 10.78 25.36 8.03
CA LYS B 276 11.39 26.09 9.15
C LYS B 276 12.59 26.91 8.68
N GLN B 277 13.42 26.33 7.80
CA GLN B 277 14.53 27.12 7.23
C GLN B 277 14.02 28.29 6.41
N ALA B 278 13.02 28.06 5.56
CA ALA B 278 12.51 29.12 4.69
C ALA B 278 11.86 30.24 5.49
N ARG B 279 11.06 29.89 6.49
CA ARG B 279 10.48 30.90 7.37
C ARG B 279 11.55 31.68 8.11
N SER B 280 12.66 31.03 8.46
CA SER B 280 13.79 31.75 9.05
C SER B 280 14.43 32.72 8.08
N ARG B 281 14.16 32.58 6.78
CA ARG B 281 14.83 33.36 5.75
C ARG B 281 13.89 34.25 4.95
N LEU B 282 12.61 33.88 4.84
CA LEU B 282 11.63 34.69 4.11
C LEU B 282 10.87 35.65 5.00
N GLN B 283 10.88 35.44 6.32
CA GLN B 283 10.31 36.43 7.23
C GLN B 283 11.10 37.73 7.21
N ALA B 284 12.39 37.65 6.90
CA ALA B 284 13.27 38.82 6.86
C ALA B 284 13.24 39.55 5.52
N LYS B 285 12.46 39.08 4.55
CA LYS B 285 12.39 39.72 3.24
C LYS B 285 10.98 40.24 2.95
N PHE B 286 10.02 39.36 2.65
CA PHE B 286 8.67 39.79 2.29
C PHE B 286 7.91 40.37 3.48
N GLY B 287 8.36 40.10 4.71
CA GLY B 287 7.71 40.65 5.89
C GLY B 287 6.53 39.82 6.35
N GLY B 288 6.81 38.71 7.02
CA GLY B 288 5.76 37.90 7.62
C GLY B 288 4.75 37.36 6.63
N GLN B 289 5.19 37.01 5.43
CA GLN B 289 4.30 36.54 4.36
C GLN B 289 4.30 35.02 4.38
N ASP B 290 3.57 34.45 5.34
CA ASP B 290 3.52 33.00 5.51
C ASP B 290 2.87 32.35 4.29
N PHE B 291 3.68 31.77 3.41
CA PHE B 291 3.16 31.20 2.19
C PHE B 291 2.58 29.81 2.45
N LEU B 292 1.81 29.33 1.48
CA LEU B 292 1.17 28.03 1.55
C LEU B 292 1.49 27.24 0.28
N ILE B 293 1.79 25.96 0.45
CA ILE B 293 2.10 25.08 -0.66
C ILE B 293 0.82 24.36 -1.06
N GLY B 294 0.47 24.44 -2.35
CA GLY B 294 -0.74 23.81 -2.84
C GLY B 294 -0.50 22.34 -3.13
N LEU B 295 -1.30 21.48 -2.52
CA LEU B 295 -1.15 20.04 -2.67
C LEU B 295 -2.50 19.39 -2.91
N ASP B 296 -2.44 18.20 -3.53
CA ASP B 296 -3.58 17.34 -3.82
C ASP B 296 -4.60 17.32 -2.68
N PRO B 297 -5.90 17.25 -2.97
CA PRO B 297 -6.88 16.99 -1.90
C PRO B 297 -6.76 15.62 -1.28
N ALA B 298 -5.80 14.79 -1.75
CA ALA B 298 -5.66 13.43 -1.25
C ALA B 298 -5.24 13.42 0.22
N LEU B 299 -4.36 14.33 0.63
CA LEU B 299 -3.87 14.34 2.00
C LEU B 299 -4.99 14.49 3.03
N LEU B 300 -6.11 15.09 2.63
CA LEU B 300 -7.23 15.29 3.54
C LEU B 300 -7.85 13.97 3.99
N LEU B 301 -7.68 12.89 3.22
CA LEU B 301 -8.28 11.61 3.59
C LEU B 301 -7.57 10.94 4.76
N GLY B 302 -6.61 11.59 5.39
CA GLY B 302 -5.93 11.04 6.54
C GLY B 302 -6.64 11.28 7.85
N HIS B 303 -7.91 11.70 7.80
CA HIS B 303 -8.67 12.01 9.01
C HIS B 303 -9.68 10.91 9.26
N THR B 304 -9.68 10.37 10.48
CA THR B 304 -10.58 9.28 10.83
C THR B 304 -12.04 9.70 10.68
N SER B 305 -12.35 10.98 10.84
CA SER B 305 -13.72 11.44 10.65
C SER B 305 -14.08 11.55 9.19
N VAL B 306 -13.13 11.90 8.32
CA VAL B 306 -13.40 11.98 6.89
C VAL B 306 -13.70 10.59 6.33
N VAL B 307 -12.88 9.61 6.71
CA VAL B 307 -13.11 8.24 6.26
C VAL B 307 -14.44 7.73 6.78
N SER B 308 -14.76 8.04 8.03
CA SER B 308 -16.03 7.63 8.61
C SER B 308 -17.20 8.19 7.80
N ALA B 309 -17.12 9.47 7.46
CA ALA B 309 -18.14 10.07 6.60
C ALA B 309 -18.15 9.42 5.22
N SER B 310 -16.98 9.06 4.70
CA SER B 310 -16.88 8.48 3.36
C SER B 310 -17.64 7.16 3.27
N LEU B 311 -17.34 6.24 4.19
CA LEU B 311 -18.03 4.95 4.19
C LEU B 311 -19.50 5.13 4.56
N ILE B 312 -19.80 6.06 5.46
CA ILE B 312 -21.18 6.30 5.88
C ILE B 312 -22.02 6.81 4.72
N PHE B 313 -21.46 7.71 3.91
CA PHE B 313 -22.23 8.34 2.85
C PHE B 313 -22.31 7.51 1.58
N ILE B 314 -21.64 6.35 1.53
CA ILE B 314 -21.78 5.47 0.37
C ILE B 314 -23.23 5.02 0.18
N PRO B 315 -23.97 4.56 1.21
CA PRO B 315 -25.40 4.31 1.04
C PRO B 315 -26.24 5.59 1.00
N LEU B 316 -25.83 6.61 1.75
CA LEU B 316 -26.60 7.84 1.83
C LEU B 316 -26.70 8.51 0.46
N THR B 317 -25.58 8.57 -0.27
CA THR B 317 -25.58 9.26 -1.56
C THR B 317 -26.49 8.57 -2.56
N ILE B 318 -26.56 7.24 -2.51
CA ILE B 318 -27.52 6.53 -3.34
C ILE B 318 -28.94 6.92 -2.95
N LEU B 319 -29.19 7.10 -1.65
CA LEU B 319 -30.50 7.56 -1.19
C LEU B 319 -30.71 9.04 -1.48
N ILE B 320 -29.65 9.85 -1.38
CA ILE B 320 -29.76 11.26 -1.77
C ILE B 320 -30.11 11.37 -3.25
N ALA B 321 -29.57 10.46 -4.06
CA ALA B 321 -29.86 10.49 -5.49
C ALA B 321 -31.34 10.28 -5.77
N VAL B 322 -31.97 9.32 -5.09
CA VAL B 322 -33.38 9.04 -5.32
C VAL B 322 -34.23 10.21 -4.87
N VAL B 323 -33.97 10.70 -3.66
CA VAL B 323 -34.85 11.70 -3.06
C VAL B 323 -34.77 13.02 -3.81
N THR B 324 -33.55 13.46 -4.14
CA THR B 324 -33.27 14.77 -4.75
C THR B 324 -34.16 15.00 -5.96
N PRO B 325 -35.11 15.92 -5.88
CA PRO B 325 -36.02 16.16 -7.02
C PRO B 325 -35.24 16.73 -8.20
N GLY B 326 -35.50 16.16 -9.39
CA GLY B 326 -34.83 16.58 -10.59
C GLY B 326 -33.54 15.85 -10.92
N ASN B 327 -33.06 14.98 -10.04
CA ASN B 327 -31.86 14.20 -10.32
C ASN B 327 -32.19 13.07 -11.29
N GLN B 328 -31.28 12.85 -12.25
CA GLN B 328 -31.36 11.71 -13.15
C GLN B 328 -30.06 10.92 -13.17
N VAL B 329 -29.15 11.19 -12.25
CA VAL B 329 -27.81 10.63 -12.24
C VAL B 329 -27.68 9.71 -11.03
N LEU B 330 -27.22 8.48 -11.27
CA LEU B 330 -27.01 7.45 -10.27
C LEU B 330 -25.58 7.49 -9.78
N PRO B 331 -25.38 7.56 -8.47
CA PRO B 331 -24.01 7.58 -7.93
C PRO B 331 -23.27 6.30 -8.32
N PHE B 332 -22.02 6.46 -8.72
CA PHE B 332 -21.23 5.30 -9.15
C PHE B 332 -19.74 5.51 -8.93
N GLY B 333 -19.07 6.02 -9.97
CA GLY B 333 -17.61 6.07 -9.99
C GLY B 333 -17.00 6.90 -8.90
N ASP B 334 -17.77 7.80 -8.29
CA ASP B 334 -17.30 8.63 -7.19
C ASP B 334 -17.81 8.16 -5.84
N LEU B 335 -18.41 6.97 -5.77
CA LEU B 335 -18.91 6.48 -4.49
C LEU B 335 -17.76 6.00 -3.60
N ALA B 336 -16.76 5.34 -4.18
CA ALA B 336 -15.63 4.85 -3.39
C ALA B 336 -14.85 5.98 -2.76
N THR B 337 -14.45 6.96 -3.57
CA THR B 337 -13.72 8.13 -3.08
C THR B 337 -14.65 9.29 -2.78
N ILE B 338 -15.78 9.00 -2.11
CA ILE B 338 -16.77 10.04 -1.83
C ILE B 338 -16.44 10.84 -0.58
N GLY B 339 -15.48 10.39 0.23
CA GLY B 339 -14.99 11.23 1.31
C GLY B 339 -14.28 12.49 0.85
N PHE B 340 -13.92 12.55 -0.43
CA PHE B 340 -13.37 13.78 -1.00
C PHE B 340 -14.38 14.92 -0.89
N PHE B 341 -15.66 14.60 -1.14
CA PHE B 341 -16.70 15.63 -1.22
C PHE B 341 -16.93 16.30 0.13
N VAL B 342 -17.11 15.51 1.18
CA VAL B 342 -17.53 16.03 2.48
C VAL B 342 -16.32 16.25 3.38
N ALA B 343 -15.15 16.49 2.78
CA ALA B 343 -13.91 16.58 3.53
C ALA B 343 -13.85 17.83 4.40
N MET B 344 -13.71 19.01 3.78
CA MET B 344 -13.65 20.24 4.55
C MET B 344 -14.95 20.50 5.29
N ALA B 345 -16.03 19.81 4.91
CA ALA B 345 -17.25 19.87 5.69
C ALA B 345 -17.02 19.41 7.11
N VAL B 346 -16.21 18.35 7.28
CA VAL B 346 -15.86 17.90 8.62
C VAL B 346 -14.99 18.94 9.33
N ALA B 347 -14.07 19.57 8.59
CA ALA B 347 -13.19 20.56 9.21
C ALA B 347 -13.97 21.75 9.72
N VAL B 348 -14.95 22.23 8.95
CA VAL B 348 -15.75 23.39 9.36
C VAL B 348 -16.50 23.08 10.64
N HIS B 349 -17.23 21.95 10.66
CA HIS B 349 -17.96 21.59 11.86
C HIS B 349 -17.05 21.08 12.96
N GLN B 350 -15.76 20.87 12.68
CA GLN B 350 -14.73 20.53 13.65
C GLN B 350 -14.97 19.17 14.32
N GLY B 351 -15.73 18.29 13.67
CA GLY B 351 -15.91 16.92 14.12
C GLY B 351 -17.34 16.52 14.39
N ASN B 352 -18.24 17.49 14.55
CA ASN B 352 -19.65 17.20 14.83
C ASN B 352 -20.26 16.41 13.68
N LEU B 353 -20.49 15.11 13.88
CA LEU B 353 -21.09 14.31 12.82
C LEU B 353 -22.51 14.77 12.51
N PHE B 354 -23.21 15.32 13.51
CA PHE B 354 -24.54 15.88 13.30
C PHE B 354 -24.55 16.87 12.14
N ARG B 355 -23.71 17.91 12.22
CA ARG B 355 -23.66 18.90 11.16
C ARG B 355 -23.03 18.34 9.89
N THR B 356 -22.16 17.35 10.02
CA THR B 356 -21.60 16.70 8.84
C THR B 356 -22.70 16.03 8.02
N LEU B 357 -23.62 15.34 8.69
CA LEU B 357 -24.69 14.65 7.97
C LEU B 357 -25.64 15.64 7.31
N ILE B 358 -25.97 16.73 8.00
CA ILE B 358 -26.81 17.77 7.39
C ILE B 358 -26.10 18.37 6.18
N SER B 359 -24.82 18.69 6.33
CA SER B 359 -24.07 19.28 5.23
C SER B 359 -24.00 18.34 4.04
N GLY B 360 -23.75 17.04 4.31
CA GLY B 360 -23.52 16.11 3.22
C GLY B 360 -24.70 15.97 2.29
N VAL B 361 -25.91 15.92 2.85
CA VAL B 361 -27.10 15.80 2.03
C VAL B 361 -27.28 17.04 1.17
N ILE B 362 -27.03 18.23 1.74
CA ILE B 362 -27.08 19.46 0.94
C ILE B 362 -26.06 19.39 -0.18
N ILE B 363 -24.83 18.98 0.14
CA ILE B 363 -23.76 18.92 -0.85
C ILE B 363 -24.09 17.91 -1.94
N MET B 364 -24.56 16.73 -1.56
CA MET B 364 -24.80 15.67 -2.53
C MET B 364 -25.98 16.00 -3.45
N SER B 365 -27.10 16.45 -2.87
CA SER B 365 -28.26 16.79 -3.68
C SER B 365 -27.91 17.86 -4.71
N ILE B 366 -27.20 18.90 -4.28
CA ILE B 366 -26.84 19.98 -5.19
C ILE B 366 -25.94 19.47 -6.30
N THR B 367 -24.90 18.73 -5.94
CA THR B 367 -24.02 18.17 -6.96
C THR B 367 -24.74 17.12 -7.80
N LEU B 368 -25.70 16.39 -7.21
CA LEU B 368 -26.49 15.46 -8.01
C LEU B 368 -27.48 16.19 -8.90
N TRP B 369 -28.01 17.32 -8.43
CA TRP B 369 -28.86 18.13 -9.30
C TRP B 369 -28.04 18.81 -10.39
N ILE B 370 -26.90 19.40 -10.02
CA ILE B 370 -26.07 20.13 -10.98
C ILE B 370 -25.55 19.19 -12.06
N ALA B 371 -25.05 18.01 -11.67
CA ALA B 371 -24.58 17.04 -12.66
C ALA B 371 -25.70 16.61 -13.59
N THR B 372 -26.95 16.61 -13.11
CA THR B 372 -28.09 16.35 -13.98
C THR B 372 -28.30 17.48 -14.99
N GLN B 373 -27.89 18.70 -14.64
CA GLN B 373 -28.01 19.82 -15.57
C GLN B 373 -26.87 19.89 -16.56
N THR B 374 -25.80 19.14 -16.33
CA THR B 374 -24.63 19.16 -17.21
C THR B 374 -24.47 17.85 -18.00
N ILE B 375 -25.54 17.06 -18.10
CA ILE B 375 -25.44 15.78 -18.79
C ILE B 375 -25.15 16.00 -20.28
N GLY B 376 -25.77 17.03 -20.87
CA GLY B 376 -25.54 17.30 -22.28
C GLY B 376 -24.11 17.72 -22.58
N LEU B 377 -23.59 18.68 -21.83
CA LEU B 377 -22.20 19.11 -22.04
C LEU B 377 -21.21 17.99 -21.75
N HIS B 378 -21.45 17.24 -20.67
CA HIS B 378 -20.54 16.15 -20.31
C HIS B 378 -20.48 15.09 -21.40
N THR B 379 -21.59 14.86 -22.10
CA THR B 379 -21.58 13.85 -23.16
C THR B 379 -20.79 14.30 -24.37
N GLN B 380 -20.83 15.60 -24.70
CA GLN B 380 -20.05 16.10 -25.83
C GLN B 380 -18.56 15.97 -25.57
N LEU B 381 -18.11 16.26 -24.34
CA LEU B 381 -16.70 16.04 -24.00
C LEU B 381 -16.33 14.57 -24.10
N ALA B 382 -17.30 13.67 -23.82
CA ALA B 382 -17.07 12.25 -24.03
C ALA B 382 -17.02 11.90 -25.51
N ALA B 383 -17.89 12.51 -26.32
CA ALA B 383 -17.80 12.33 -27.76
C ALA B 383 -16.52 12.94 -28.32
N ASN B 384 -16.13 14.11 -27.79
CA ASN B 384 -14.91 14.82 -28.16
C ASN B 384 -13.67 14.17 -27.59
N ALA B 385 -13.79 12.93 -27.13
CA ALA B 385 -12.65 12.14 -26.72
C ALA B 385 -12.77 10.69 -27.18
N GLY B 386 -13.76 10.37 -28.00
CA GLY B 386 -14.01 8.99 -28.38
C GLY B 386 -14.29 8.09 -27.19
N SER B 387 -15.02 8.60 -26.20
CA SER B 387 -15.14 7.92 -24.92
C SER B 387 -16.28 6.91 -24.92
N LEU B 388 -17.51 7.37 -25.12
CA LEU B 388 -18.65 6.46 -25.06
C LEU B 388 -19.01 5.96 -26.45
N THR B 389 -19.45 4.70 -26.49
CA THR B 389 -19.48 3.89 -27.70
C THR B 389 -20.76 4.16 -28.50
N GLY B 390 -21.09 3.25 -29.41
CA GLY B 390 -22.23 3.45 -30.30
C GLY B 390 -23.57 3.41 -29.61
N ASP B 391 -23.60 3.12 -28.31
CA ASP B 391 -24.84 3.14 -27.56
C ASP B 391 -25.47 4.53 -27.52
N GLY B 392 -24.65 5.58 -27.55
CA GLY B 392 -25.18 6.91 -27.34
C GLY B 392 -25.67 7.16 -25.93
N SER B 393 -25.28 6.33 -24.97
CA SER B 393 -25.77 6.48 -23.61
C SER B 393 -25.30 7.83 -23.05
N LEU B 394 -26.15 8.45 -22.24
CA LEU B 394 -25.83 9.75 -21.68
C LEU B 394 -24.70 9.61 -20.65
N VAL B 395 -23.80 10.60 -20.63
CA VAL B 395 -22.63 10.58 -19.75
C VAL B 395 -22.79 11.71 -18.73
N ALA B 396 -22.72 11.37 -17.45
CA ALA B 396 -22.73 12.36 -16.38
C ALA B 396 -21.71 11.97 -15.32
N SER B 397 -21.29 12.96 -14.53
CA SER B 397 -20.30 12.74 -13.51
C SER B 397 -20.54 13.68 -12.34
N MET B 398 -20.22 13.21 -11.14
CA MET B 398 -20.39 14.04 -9.94
C MET B 398 -19.16 14.89 -9.65
N ASP B 399 -17.95 14.42 -9.99
CA ASP B 399 -16.77 15.26 -9.85
C ASP B 399 -16.63 16.11 -11.10
N GLN B 400 -16.63 17.43 -10.90
CA GLN B 400 -16.52 18.45 -11.94
C GLN B 400 -17.81 18.56 -12.77
N GLY B 401 -18.50 17.43 -13.00
CA GLY B 401 -19.81 17.50 -13.60
C GLY B 401 -20.84 18.16 -12.69
N GLY B 402 -20.79 17.86 -11.40
CA GLY B 402 -21.64 18.47 -10.40
C GLY B 402 -21.00 19.68 -9.76
N SER B 403 -20.03 20.27 -10.44
CA SER B 403 -19.30 21.41 -9.91
C SER B 403 -20.15 22.66 -9.90
N PRO B 404 -20.34 23.32 -8.74
CA PRO B 404 -20.92 24.67 -8.76
C PRO B 404 -20.12 25.65 -9.60
N ILE B 405 -18.79 25.55 -9.58
CA ILE B 405 -17.95 26.45 -10.39
C ILE B 405 -18.31 26.31 -11.87
N THR B 406 -18.13 25.10 -12.41
CA THR B 406 -18.35 24.90 -13.84
C THR B 406 -19.80 25.15 -14.22
N TYR B 407 -20.75 24.81 -13.34
CA TYR B 407 -22.15 25.11 -13.61
C TYR B 407 -22.39 26.61 -13.64
N LEU B 408 -22.10 27.28 -12.52
CA LEU B 408 -22.50 28.68 -12.38
C LEU B 408 -21.87 29.54 -13.46
N LEU B 409 -20.66 29.20 -13.90
CA LEU B 409 -20.06 29.91 -15.03
C LEU B 409 -20.84 29.68 -16.31
N VAL B 410 -21.21 28.42 -16.58
CA VAL B 410 -21.93 28.10 -17.80
C VAL B 410 -23.30 28.77 -17.82
N GLN B 411 -24.02 28.73 -16.70
CA GLN B 411 -25.35 29.34 -16.65
C GLN B 411 -25.30 30.87 -16.64
N ALA B 412 -24.11 31.45 -16.54
CA ALA B 412 -23.98 32.90 -16.66
C ALA B 412 -23.82 33.33 -18.12
N LEU B 413 -22.90 32.69 -18.85
CA LEU B 413 -22.64 33.08 -20.22
C LEU B 413 -23.72 32.60 -21.19
N THR B 414 -24.63 31.74 -20.76
CA THR B 414 -25.67 31.21 -21.62
C THR B 414 -27.07 31.65 -21.23
N LEU B 415 -27.35 31.83 -19.94
CA LEU B 415 -28.67 32.23 -19.45
C LEU B 415 -29.76 31.28 -19.92
N GLU B 416 -29.63 30.02 -19.52
CA GLU B 416 -30.68 29.03 -19.77
C GLU B 416 -31.65 28.94 -18.60
N ASN B 417 -31.15 28.58 -17.42
CA ASN B 417 -31.96 28.42 -16.21
C ASN B 417 -31.66 29.59 -15.29
N VAL B 418 -32.31 30.73 -15.57
CA VAL B 418 -32.11 31.92 -14.75
C VAL B 418 -32.49 31.64 -13.31
N ILE B 419 -33.62 30.96 -13.11
CA ILE B 419 -34.01 30.53 -11.77
C ILE B 419 -32.93 29.66 -11.16
N GLY B 420 -32.34 28.78 -11.97
CA GLY B 420 -31.24 27.97 -11.48
C GLY B 420 -30.02 28.78 -11.14
N LEU B 421 -29.73 29.81 -11.95
CA LEU B 421 -28.61 30.68 -11.63
C LEU B 421 -28.84 31.43 -10.33
N VAL B 422 -30.06 31.94 -10.11
CA VAL B 422 -30.34 32.75 -8.94
C VAL B 422 -30.26 31.92 -7.66
N ALA B 423 -30.91 30.75 -7.67
CA ALA B 423 -30.93 29.91 -6.48
C ALA B 423 -29.56 29.37 -6.14
N ILE B 424 -28.84 28.84 -7.14
CA ILE B 424 -27.50 28.33 -6.92
C ILE B 424 -26.53 29.48 -6.69
N GLY B 425 -26.67 30.57 -7.45
CA GLY B 425 -25.73 31.67 -7.33
C GLY B 425 -25.80 32.36 -5.98
N ALA B 426 -27.00 32.48 -5.42
CA ALA B 426 -27.13 33.07 -4.09
C ALA B 426 -26.56 32.15 -3.03
N LEU B 427 -26.86 30.86 -3.12
CA LEU B 427 -26.38 29.91 -2.12
C LEU B 427 -24.86 29.83 -2.11
N TYR B 428 -24.26 29.60 -3.28
CA TYR B 428 -22.80 29.53 -3.38
C TYR B 428 -22.16 30.87 -3.07
N GLY B 429 -22.75 31.96 -3.60
CA GLY B 429 -22.16 33.27 -3.39
C GLY B 429 -22.13 33.69 -1.94
N ILE B 430 -23.20 33.39 -1.20
CA ILE B 430 -23.20 33.67 0.24
C ILE B 430 -22.13 32.84 0.93
N GLY B 431 -22.00 31.57 0.54
CA GLY B 431 -20.98 30.71 1.13
C GLY B 431 -19.57 31.24 0.90
N ILE B 432 -19.30 31.76 -0.29
CA ILE B 432 -18.00 32.36 -0.57
C ILE B 432 -17.77 33.58 0.31
N PHE B 433 -18.81 34.39 0.51
CA PHE B 433 -18.69 35.55 1.39
C PHE B 433 -18.43 35.13 2.83
N LEU B 434 -19.15 34.11 3.32
CA LEU B 434 -18.97 33.67 4.70
C LEU B 434 -17.63 32.94 4.88
N THR B 435 -17.17 32.22 3.86
CA THR B 435 -15.85 31.61 3.94
C THR B 435 -14.76 32.65 3.96
N TRP B 436 -14.93 33.74 3.20
CA TRP B 436 -13.93 34.79 3.14
C TRP B 436 -13.86 35.56 4.46
N ARG B 437 -15.01 35.81 5.09
CA ARG B 437 -15.01 36.53 6.36
C ARG B 437 -14.47 35.68 7.50
N ARG B 438 -14.66 34.36 7.45
CA ARG B 438 -14.16 33.50 8.50
C ARG B 438 -12.64 33.52 8.58
N ALA B 439 -11.98 33.70 7.43
CA ALA B 439 -10.52 33.82 7.40
C ALA B 439 -10.05 35.18 7.88
N LYS B 440 -10.83 36.24 7.63
CA LYS B 440 -10.49 37.57 8.13
C LYS B 440 -10.28 37.56 9.64
N ARG B 441 -11.23 36.98 10.37
CA ARG B 441 -11.11 36.91 11.82
C ARG B 441 -9.94 36.03 12.25
N PHE B 442 -9.68 34.95 11.50
CA PHE B 442 -8.58 34.06 11.85
C PHE B 442 -7.23 34.76 11.76
N ALA B 443 -7.07 35.67 10.80
CA ALA B 443 -5.81 36.38 10.64
C ALA B 443 -5.60 37.46 11.69
N ALA B 444 -6.68 38.07 12.18
CA ALA B 444 -6.58 39.07 13.24
C ALA B 444 -6.45 38.45 14.63
N GLN B 445 -6.76 37.15 14.78
CA GLN B 445 -6.60 36.45 16.06
C GLN B 445 -5.19 35.92 16.23
N ALA B 446 -4.68 35.19 15.23
CA ALA B 446 -3.34 34.63 15.33
C ALA B 446 -2.30 35.73 15.45
N GLU B 447 -2.50 36.83 14.71
CA GLU B 447 -1.50 37.91 14.70
C GLU B 447 -1.47 38.64 16.04
N SER B 448 -2.63 39.03 16.56
CA SER B 448 -2.69 39.78 17.81
C SER B 448 -3.03 38.85 18.97
#